data_8ZAT
#
_entry.id   8ZAT
#
_cell.length_a   1.00
_cell.length_b   1.00
_cell.length_c   1.00
_cell.angle_alpha   90.00
_cell.angle_beta   90.00
_cell.angle_gamma   90.00
#
_symmetry.space_group_name_H-M   'P 1'
#
_entity_poly.entity_id   1
_entity_poly.type   'polypeptide(L)'
_entity_poly.pdbx_seq_one_letter_code
;MSYYHHHHHHDYKDDDDKLEVLFQGPEFMPAPRAREQPRVPGERQPLLPRGARGPRRWRRAAGAAVLLVEMLERAAFFGV
TANLVLYLNSTNFNWTGEQATRAALVFLGASYLLAPVGGWLADVYLGRYRAVALSLLLYLAASGLLPATAFPDGRSSFCG
EMPASPLGPACPSAGCPRSSPSPYCAPVLYAGLLLLGLAASSVRSNLTSFGADQVMDLGRDATRRFFNWFYWSINLGAVL
SLLVVAFIQQNISFLLGYSIPVGCVGLAFFIFLFATPVFITKPPMGSQVSSMLKLALQNCCPQLWQRHSARDRQCARVLA
DERSPQPGASPQEDIANFQVLVKILPVMVTLVPYWMVYFQMQSTYVLQGLHLHIPNIFPANPANISVALRAQGSSYTIPE
AWLLLANVVVVLILVPLKDRLIDPLLLRCKLLPSALQKMALGMFFGFTSVIVAGVLEMERLHYIHHNETVSQQIGEVLYN
AAPLSIWWQIPQYLLIGISEIFASIPGLEFAYSEAPRSMQGAIMGIFFCLSGVGSLLGSSLVALLSLPGGWLHCPKDFGN
INNCRMDLYFFLLAGIQAVTALLFVWIAGRYERASQGPASHSRFSRDRG
;
_entity_poly.pdbx_strand_id   A,B
#
# COMPACT_ATOMS: atom_id res chain seq x y z
N PRO A 55 -30.08 -25.82 15.34
CA PRO A 55 -29.60 -25.82 16.72
C PRO A 55 -30.72 -26.04 17.74
N ARG A 56 -31.53 -27.07 17.52
CA ARG A 56 -32.63 -27.38 18.43
C ARG A 56 -32.10 -27.73 19.82
N ARG A 57 -31.37 -28.84 19.92
CA ARG A 57 -30.75 -29.22 21.19
C ARG A 57 -29.31 -29.70 21.06
N TRP A 58 -28.89 -30.21 19.90
CA TRP A 58 -27.56 -30.80 19.72
C TRP A 58 -26.74 -29.99 18.72
N ARG A 59 -26.76 -28.67 18.85
CA ARG A 59 -26.01 -27.82 17.91
C ARG A 59 -24.52 -28.13 17.95
N ARG A 60 -23.99 -28.47 19.12
CA ARG A 60 -22.60 -28.91 19.19
C ARG A 60 -22.40 -30.20 18.40
N ALA A 61 -23.35 -31.13 18.52
CA ALA A 61 -23.26 -32.38 17.76
C ALA A 61 -23.38 -32.13 16.27
N ALA A 62 -24.29 -31.23 15.85
CA ALA A 62 -24.42 -30.93 14.44
C ALA A 62 -23.16 -30.28 13.88
N GLY A 63 -22.59 -29.33 14.63
CA GLY A 63 -21.34 -28.72 14.20
C GLY A 63 -20.21 -29.71 14.11
N ALA A 64 -20.09 -30.60 15.11
CA ALA A 64 -19.06 -31.61 15.08
C ALA A 64 -19.23 -32.55 13.89
N ALA A 65 -20.47 -32.93 13.59
CA ALA A 65 -20.73 -33.79 12.44
C ALA A 65 -20.35 -33.09 11.14
N VAL A 66 -20.68 -31.80 11.01
CA VAL A 66 -20.32 -31.06 9.81
C VAL A 66 -18.80 -30.99 9.66
N LEU A 67 -18.10 -30.68 10.75
CA LEU A 67 -16.64 -30.61 10.68
C LEU A 67 -16.03 -31.97 10.34
N LEU A 68 -16.55 -33.04 10.95
CA LEU A 68 -16.03 -34.37 10.68
C LEU A 68 -16.24 -34.77 9.23
N VAL A 69 -17.44 -34.55 8.70
CA VAL A 69 -17.70 -34.95 7.32
C VAL A 69 -16.87 -34.08 6.37
N GLU A 70 -16.67 -32.80 6.70
CA GLU A 70 -15.85 -31.96 5.83
C GLU A 70 -14.39 -32.41 5.82
N MET A 71 -13.83 -32.67 7.00
CA MET A 71 -12.43 -33.09 7.07
C MET A 71 -12.23 -34.44 6.41
N LEU A 72 -13.19 -35.36 6.57
CA LEU A 72 -13.07 -36.66 5.94
C LEU A 72 -13.23 -36.56 4.42
N GLU A 73 -14.11 -35.67 3.96
CA GLU A 73 -14.24 -35.43 2.53
C GLU A 73 -12.95 -34.89 1.95
N ARG A 74 -12.31 -33.95 2.66
CA ARG A 74 -11.02 -33.43 2.20
C ARG A 74 -9.95 -34.52 2.19
N ALA A 75 -9.95 -35.38 3.21
CA ALA A 75 -8.99 -36.48 3.26
C ALA A 75 -9.16 -37.40 2.06
N ALA A 76 -10.40 -37.80 1.77
CA ALA A 76 -10.66 -38.64 0.62
C ALA A 76 -10.29 -37.92 -0.67
N PHE A 77 -10.56 -36.61 -0.74
CA PHE A 77 -10.20 -35.83 -1.91
C PHE A 77 -8.72 -35.93 -2.21
N PHE A 78 -7.89 -35.64 -1.20
CA PHE A 78 -6.45 -35.69 -1.42
C PHE A 78 -6.00 -37.11 -1.76
N GLY A 79 -6.55 -38.11 -1.06
CA GLY A 79 -6.13 -39.49 -1.31
C GLY A 79 -6.43 -39.93 -2.73
N VAL A 80 -7.66 -39.71 -3.19
CA VAL A 80 -8.04 -40.17 -4.53
C VAL A 80 -7.32 -39.35 -5.60
N THR A 81 -7.10 -38.05 -5.36
CA THR A 81 -6.36 -37.26 -6.34
C THR A 81 -4.94 -37.78 -6.49
N ALA A 82 -4.26 -38.07 -5.37
CA ALA A 82 -2.92 -38.63 -5.45
C ALA A 82 -2.93 -39.98 -6.14
N ASN A 83 -3.92 -40.82 -5.82
CA ASN A 83 -4.01 -42.15 -6.43
C ASN A 83 -4.14 -42.05 -7.94
N LEU A 84 -5.08 -41.23 -8.42
CA LEU A 84 -5.31 -41.13 -9.86
C LEU A 84 -4.13 -40.46 -10.56
N VAL A 85 -3.48 -39.49 -9.91
CA VAL A 85 -2.30 -38.86 -10.50
C VAL A 85 -1.19 -39.89 -10.65
N LEU A 86 -0.97 -40.72 -9.63
CA LEU A 86 0.06 -41.76 -9.72
C LEU A 86 -0.27 -42.76 -10.82
N TYR A 87 -1.54 -43.16 -10.92
CA TYR A 87 -1.94 -44.10 -11.97
C TYR A 87 -1.69 -43.51 -13.35
N LEU A 88 -2.06 -42.24 -13.54
CA LEU A 88 -1.86 -41.59 -14.83
C LEU A 88 -0.37 -41.50 -15.17
N ASN A 89 0.44 -41.10 -14.20
CA ASN A 89 1.89 -41.05 -14.45
C ASN A 89 2.46 -42.42 -14.73
N SER A 90 1.84 -43.47 -14.16
CA SER A 90 2.43 -44.79 -14.25
C SER A 90 2.10 -45.51 -15.56
N THR A 91 0.82 -45.81 -15.80
CA THR A 91 0.53 -46.91 -16.72
C THR A 91 0.96 -46.69 -18.17
N ASN A 92 0.22 -45.90 -18.95
CA ASN A 92 0.77 -45.45 -20.23
C ASN A 92 0.63 -43.94 -20.42
N PHE A 93 -0.63 -43.48 -20.50
CA PHE A 93 -1.00 -42.06 -20.54
C PHE A 93 -0.01 -41.22 -21.34
N ASN A 94 0.07 -41.46 -22.65
CA ASN A 94 1.19 -41.08 -23.51
C ASN A 94 1.89 -39.79 -23.10
N TRP A 95 1.13 -38.74 -22.77
CA TRP A 95 1.75 -37.52 -22.27
C TRP A 95 2.37 -37.70 -20.89
N THR A 96 1.89 -38.66 -20.10
CA THR A 96 2.34 -38.94 -18.73
C THR A 96 2.14 -37.76 -17.78
N GLY A 97 1.48 -36.70 -18.24
CA GLY A 97 1.25 -35.53 -17.42
C GLY A 97 2.50 -34.71 -17.17
N GLU A 98 3.67 -35.31 -17.36
CA GLU A 98 4.95 -34.68 -17.06
C GLU A 98 4.95 -34.11 -15.64
N GLN A 99 4.37 -34.87 -14.71
CA GLN A 99 4.09 -34.37 -13.38
C GLN A 99 4.35 -35.44 -12.34
N ALA A 100 4.96 -35.04 -11.23
CA ALA A 100 5.19 -35.90 -10.08
C ALA A 100 4.68 -35.30 -8.78
N THR A 101 4.79 -33.98 -8.61
CA THR A 101 4.34 -33.30 -7.42
C THR A 101 3.84 -31.91 -7.82
N ARG A 102 3.05 -31.31 -6.93
CA ARG A 102 2.39 -30.01 -7.05
C ARG A 102 1.13 -30.07 -7.93
N ALA A 103 0.89 -31.19 -8.64
CA ALA A 103 -0.32 -31.31 -9.44
C ALA A 103 -1.57 -31.28 -8.57
N ALA A 104 -1.46 -31.67 -7.31
CA ALA A 104 -2.61 -31.62 -6.41
C ALA A 104 -3.11 -30.19 -6.23
N LEU A 105 -2.19 -29.23 -6.14
CA LEU A 105 -2.59 -27.83 -5.98
C LEU A 105 -3.35 -27.34 -7.21
N VAL A 106 -2.85 -27.64 -8.40
CA VAL A 106 -3.51 -27.17 -9.61
C VAL A 106 -4.84 -27.89 -9.81
N PHE A 107 -4.95 -29.15 -9.37
CA PHE A 107 -6.23 -29.84 -9.51
C PHE A 107 -7.25 -29.31 -8.51
N LEU A 108 -6.80 -28.94 -7.30
CA LEU A 108 -7.70 -28.26 -6.38
C LEU A 108 -8.15 -26.90 -6.94
N GLY A 109 -7.24 -26.19 -7.59
CA GLY A 109 -7.63 -24.96 -8.26
C GLY A 109 -8.67 -25.20 -9.35
N ALA A 110 -8.50 -26.27 -10.13
CA ALA A 110 -9.48 -26.61 -11.14
C ALA A 110 -10.83 -26.98 -10.52
N SER A 111 -10.80 -27.68 -9.38
CA SER A 111 -12.04 -27.99 -8.68
C SER A 111 -12.75 -26.72 -8.22
N TYR A 112 -11.99 -25.76 -7.69
CA TYR A 112 -12.59 -24.48 -7.33
C TYR A 112 -13.12 -23.76 -8.57
N LEU A 113 -12.44 -23.91 -9.71
CA LEU A 113 -12.91 -23.32 -10.95
C LEU A 113 -14.26 -23.91 -11.36
N LEU A 114 -14.42 -25.22 -11.19
CA LEU A 114 -15.69 -25.88 -11.47
C LEU A 114 -16.73 -25.63 -10.38
N ALA A 115 -16.30 -25.13 -9.22
CA ALA A 115 -17.23 -24.92 -8.10
C ALA A 115 -18.43 -24.03 -8.43
N PRO A 116 -18.27 -22.87 -9.07
CA PRO A 116 -19.44 -21.97 -9.21
C PRO A 116 -20.61 -22.60 -9.96
N VAL A 117 -20.37 -23.15 -11.15
CA VAL A 117 -21.47 -23.69 -11.94
C VAL A 117 -22.10 -24.91 -11.26
N GLY A 118 -21.28 -25.80 -10.72
CA GLY A 118 -21.81 -26.97 -10.04
C GLY A 118 -22.63 -26.60 -8.82
N GLY A 119 -22.13 -25.68 -8.01
CA GLY A 119 -22.87 -25.24 -6.85
C GLY A 119 -24.16 -24.52 -7.21
N TRP A 120 -24.13 -23.72 -8.28
CA TRP A 120 -25.33 -23.05 -8.74
C TRP A 120 -26.38 -24.06 -9.20
N LEU A 121 -25.95 -25.08 -9.94
CA LEU A 121 -26.88 -26.14 -10.32
C LEU A 121 -27.43 -26.84 -9.09
N ALA A 122 -26.57 -27.10 -8.10
CA ALA A 122 -27.00 -27.78 -6.89
C ALA A 122 -28.05 -26.98 -6.13
N ASP A 123 -27.84 -25.66 -6.00
CA ASP A 123 -28.75 -24.84 -5.21
C ASP A 123 -29.95 -24.34 -6.00
N VAL A 124 -29.97 -24.52 -7.32
CA VAL A 124 -31.12 -24.14 -8.12
C VAL A 124 -32.02 -25.33 -8.46
N TYR A 125 -31.45 -26.45 -8.92
CA TYR A 125 -32.26 -27.57 -9.40
C TYR A 125 -32.18 -28.80 -8.50
N LEU A 126 -31.54 -28.69 -7.34
CA LEU A 126 -31.43 -29.83 -6.42
C LEU A 126 -31.79 -29.53 -4.99
N GLY A 127 -31.83 -28.25 -4.57
CA GLY A 127 -32.05 -27.93 -3.18
C GLY A 127 -30.75 -27.77 -2.42
N ARG A 128 -30.72 -28.18 -1.16
CA ARG A 128 -29.51 -28.10 -0.36
C ARG A 128 -29.12 -29.43 0.28
N TYR A 129 -30.09 -30.23 0.74
CA TYR A 129 -29.78 -31.53 1.29
C TYR A 129 -29.53 -32.55 0.19
N ARG A 130 -30.39 -32.57 -0.83
CA ARG A 130 -30.14 -33.43 -1.98
C ARG A 130 -28.84 -33.08 -2.68
N ALA A 131 -28.39 -31.82 -2.58
CA ALA A 131 -27.15 -31.43 -3.23
C ALA A 131 -25.97 -32.19 -2.63
N VAL A 132 -25.82 -32.15 -1.31
CA VAL A 132 -24.73 -32.89 -0.67
C VAL A 132 -24.94 -34.39 -0.83
N ALA A 133 -26.19 -34.84 -0.76
CA ALA A 133 -26.46 -36.28 -0.93
C ALA A 133 -25.96 -36.77 -2.28
N LEU A 134 -26.30 -36.04 -3.35
CA LEU A 134 -25.92 -36.47 -4.69
C LEU A 134 -24.45 -36.24 -4.96
N SER A 135 -23.83 -35.21 -4.36
CA SER A 135 -22.39 -35.05 -4.51
C SER A 135 -21.65 -36.21 -3.87
N LEU A 136 -22.10 -36.64 -2.69
CA LEU A 136 -21.48 -37.80 -2.05
C LEU A 136 -21.76 -39.09 -2.82
N LEU A 137 -22.94 -39.20 -3.45
CA LEU A 137 -23.21 -40.35 -4.30
C LEU A 137 -22.30 -40.38 -5.52
N LEU A 138 -22.07 -39.22 -6.14
CA LEU A 138 -21.11 -39.15 -7.25
C LEU A 138 -19.71 -39.48 -6.77
N TYR A 139 -19.37 -39.08 -5.54
CA TYR A 139 -18.08 -39.46 -4.98
C TYR A 139 -17.98 -40.97 -4.78
N LEU A 140 -19.08 -41.60 -4.34
CA LEU A 140 -19.12 -43.06 -4.29
C LEU A 140 -18.93 -43.67 -5.67
N ALA A 141 -19.53 -43.05 -6.69
CA ALA A 141 -19.33 -43.52 -8.06
C ALA A 141 -17.87 -43.44 -8.47
N ALA A 142 -17.20 -42.34 -8.10
CA ALA A 142 -15.78 -42.22 -8.40
C ALA A 142 -14.97 -43.27 -7.66
N SER A 143 -15.29 -43.52 -6.39
CA SER A 143 -14.55 -44.53 -5.62
C SER A 143 -14.87 -45.95 -6.08
N GLY A 144 -15.99 -46.14 -6.78
CA GLY A 144 -16.31 -47.43 -7.36
C GLY A 144 -15.70 -47.59 -8.74
N LEU A 145 -15.37 -46.45 -9.35
CA LEU A 145 -14.52 -46.47 -10.53
C LEU A 145 -13.06 -46.74 -10.15
N LEU A 146 -12.69 -46.40 -8.92
CA LEU A 146 -11.33 -46.65 -8.45
C LEU A 146 -10.85 -48.10 -8.59
N PRO A 147 -11.65 -49.14 -8.33
CA PRO A 147 -11.16 -50.50 -8.58
C PRO A 147 -10.77 -50.75 -10.03
N ALA A 148 -11.36 -50.05 -11.00
CA ALA A 148 -10.89 -50.15 -12.38
C ALA A 148 -9.46 -49.62 -12.48
N THR A 149 -9.14 -48.55 -11.75
CA THR A 149 -7.76 -48.12 -11.61
C THR A 149 -6.92 -49.21 -10.94
N ALA A 150 -7.49 -49.89 -9.95
CA ALA A 150 -6.78 -50.96 -9.25
C ALA A 150 -6.62 -52.20 -10.12
N PHE A 151 -7.74 -52.78 -10.57
CA PHE A 151 -7.68 -54.00 -11.36
C PHE A 151 -7.12 -53.70 -12.76
N PRO A 152 -6.15 -54.48 -13.21
CA PRO A 152 -5.66 -54.31 -14.59
C PRO A 152 -6.74 -54.54 -15.64
N ASP A 153 -7.74 -55.37 -15.34
CA ASP A 153 -8.84 -55.57 -16.28
C ASP A 153 -9.60 -54.28 -16.52
N GLY A 154 -9.71 -53.43 -15.50
CA GLY A 154 -10.36 -52.14 -15.69
C GLY A 154 -9.66 -51.28 -16.72
N ARG A 155 -8.33 -51.19 -16.61
CA ARG A 155 -7.56 -50.43 -17.59
C ARG A 155 -7.65 -51.08 -18.97
N SER A 156 -7.60 -52.41 -19.03
CA SER A 156 -7.68 -53.10 -20.31
C SER A 156 -9.01 -52.84 -21.01
N SER A 157 -10.11 -52.82 -20.25
CA SER A 157 -11.41 -52.48 -20.82
C SER A 157 -11.56 -51.00 -21.12
N PHE A 158 -10.86 -50.13 -20.38
CA PHE A 158 -10.99 -48.70 -20.61
C PHE A 158 -10.25 -48.27 -21.86
N CYS A 159 -8.93 -48.47 -21.90
CA CYS A 159 -8.11 -48.07 -23.04
C CYS A 159 -7.77 -49.22 -23.97
N GLY A 160 -8.47 -50.34 -23.86
CA GLY A 160 -8.49 -51.31 -24.93
C GLY A 160 -9.46 -50.98 -26.03
N GLU A 161 -10.25 -49.91 -25.84
CA GLU A 161 -11.20 -49.43 -26.83
C GLU A 161 -11.29 -47.92 -26.68
N MET A 162 -12.34 -47.33 -27.26
CA MET A 162 -12.55 -45.89 -27.18
C MET A 162 -12.89 -45.47 -25.76
N CYS A 185 -8.84 -45.36 -20.92
CA CYS A 185 -7.81 -44.97 -19.96
C CYS A 185 -7.81 -43.46 -19.78
N ALA A 186 -7.61 -42.72 -20.88
CA ALA A 186 -7.57 -41.26 -20.86
C ALA A 186 -8.96 -40.64 -20.77
N PRO A 187 -9.90 -40.96 -21.68
CA PRO A 187 -11.21 -40.28 -21.59
C PRO A 187 -11.98 -40.64 -20.34
N VAL A 188 -11.93 -41.90 -19.90
CA VAL A 188 -12.62 -42.29 -18.69
C VAL A 188 -11.99 -41.62 -17.47
N LEU A 189 -10.67 -41.48 -17.44
CA LEU A 189 -10.02 -40.76 -16.35
C LEU A 189 -10.41 -39.28 -16.36
N TYR A 190 -10.51 -38.68 -17.55
CA TYR A 190 -10.94 -37.29 -17.64
C TYR A 190 -12.35 -37.12 -17.09
N ALA A 191 -13.27 -38.01 -17.47
CA ALA A 191 -14.63 -37.93 -16.96
C ALA A 191 -14.68 -38.15 -15.46
N GLY A 192 -13.90 -39.11 -14.96
CA GLY A 192 -13.87 -39.35 -13.53
C GLY A 192 -13.32 -38.17 -12.74
N LEU A 193 -12.25 -37.55 -13.25
CA LEU A 193 -11.70 -36.37 -12.58
C LEU A 193 -12.69 -35.22 -12.60
N LEU A 194 -13.38 -35.01 -13.72
CA LEU A 194 -14.37 -33.95 -13.79
C LEU A 194 -15.49 -34.17 -12.78
N LEU A 195 -16.00 -35.41 -12.71
CA LEU A 195 -17.06 -35.71 -11.74
C LEU A 195 -16.56 -35.56 -10.31
N LEU A 196 -15.34 -36.00 -10.04
CA LEU A 196 -14.76 -35.90 -8.71
C LEU A 196 -14.64 -34.44 -8.29
N GLY A 197 -14.13 -33.59 -9.18
CA GLY A 197 -14.03 -32.18 -8.86
C GLY A 197 -15.38 -31.53 -8.65
N LEU A 198 -16.35 -31.85 -9.52
CA LEU A 198 -17.68 -31.30 -9.36
C LEU A 198 -18.28 -31.70 -8.01
N ALA A 199 -18.19 -32.99 -7.66
CA ALA A 199 -18.76 -33.46 -6.41
C ALA A 199 -18.07 -32.84 -5.20
N ALA A 200 -16.73 -32.75 -5.23
CA ALA A 200 -16.01 -32.18 -4.11
C ALA A 200 -16.36 -30.72 -3.91
N SER A 201 -16.37 -29.95 -5.00
CA SER A 201 -16.69 -28.53 -4.89
C SER A 201 -18.13 -28.33 -4.41
N SER A 202 -19.07 -29.11 -4.97
CA SER A 202 -20.47 -28.96 -4.58
C SER A 202 -20.67 -29.30 -3.11
N VAL A 203 -20.06 -30.39 -2.65
CA VAL A 203 -20.25 -30.79 -1.25
C VAL A 203 -19.59 -29.78 -0.32
N ARG A 204 -18.45 -29.23 -0.70
CA ARG A 204 -17.81 -28.20 0.12
C ARG A 204 -18.70 -26.97 0.25
N SER A 205 -19.19 -26.46 -0.88
CA SER A 205 -20.01 -25.25 -0.86
C SER A 205 -21.31 -25.48 -0.09
N ASN A 206 -21.95 -26.63 -0.30
CA ASN A 206 -23.23 -26.87 0.35
C ASN A 206 -23.06 -27.19 1.83
N LEU A 207 -21.96 -27.83 2.22
CA LEU A 207 -21.67 -28.00 3.64
C LEU A 207 -21.46 -26.65 4.30
N THR A 208 -20.74 -25.74 3.63
CA THR A 208 -20.59 -24.39 4.17
C THR A 208 -21.94 -23.71 4.31
N SER A 209 -22.82 -23.88 3.31
CA SER A 209 -24.15 -23.30 3.39
C SER A 209 -24.95 -23.87 4.56
N PHE A 210 -24.91 -25.19 4.76
CA PHE A 210 -25.62 -25.81 5.88
C PHE A 210 -25.10 -25.29 7.21
N GLY A 211 -23.78 -25.27 7.38
CA GLY A 211 -23.22 -24.79 8.63
C GLY A 211 -23.58 -23.34 8.90
N ALA A 212 -23.48 -22.49 7.88
CA ALA A 212 -23.84 -21.09 8.05
C ALA A 212 -25.31 -20.94 8.41
N ASP A 213 -26.18 -21.71 7.75
CA ASP A 213 -27.61 -21.63 8.07
C ASP A 213 -27.86 -22.03 9.52
N GLN A 214 -27.28 -23.13 9.96
CA GLN A 214 -27.51 -23.60 11.33
C GLN A 214 -27.01 -22.58 12.35
N VAL A 215 -25.82 -22.03 12.14
CA VAL A 215 -25.27 -21.15 13.17
C VAL A 215 -25.84 -19.75 13.07
N MET A 216 -26.34 -19.33 11.90
CA MET A 216 -27.10 -18.09 11.82
C MET A 216 -28.44 -18.23 12.52
N ASP A 217 -29.06 -19.40 12.43
CA ASP A 217 -30.19 -19.69 13.29
C ASP A 217 -29.79 -19.72 14.76
N LEU A 218 -28.53 -20.03 15.05
CA LEU A 218 -28.05 -20.02 16.43
C LEU A 218 -27.74 -18.59 16.89
N GLY A 219 -26.76 -17.95 16.27
CA GLY A 219 -26.38 -16.61 16.65
C GLY A 219 -25.24 -16.08 15.80
N ARG A 220 -25.16 -14.75 15.74
CA ARG A 220 -24.17 -14.08 14.91
C ARG A 220 -22.75 -14.27 15.46
N ASP A 221 -22.57 -14.05 16.75
CA ASP A 221 -21.28 -14.36 17.38
C ASP A 221 -20.99 -15.85 17.27
N ALA A 222 -22.01 -16.68 17.49
CA ALA A 222 -21.87 -18.10 17.23
C ALA A 222 -21.53 -18.38 15.78
N THR A 223 -22.06 -17.56 14.86
CA THR A 223 -21.75 -17.74 13.44
C THR A 223 -20.26 -17.49 13.17
N ARG A 224 -19.71 -16.41 13.75
CA ARG A 224 -18.29 -16.14 13.59
C ARG A 224 -17.44 -17.24 14.23
N ARG A 225 -17.83 -17.67 15.43
CA ARG A 225 -17.08 -18.73 16.10
C ARG A 225 -17.09 -20.02 15.28
N PHE A 226 -18.26 -20.35 14.72
CA PHE A 226 -18.35 -21.53 13.87
C PHE A 226 -17.56 -21.39 12.58
N PHE A 227 -17.51 -20.20 12.00
CA PHE A 227 -16.71 -20.01 10.80
C PHE A 227 -15.23 -20.21 11.09
N ASN A 228 -14.76 -19.68 12.22
CA ASN A 228 -13.36 -19.90 12.60
C ASN A 228 -13.10 -21.37 12.85
N TRP A 229 -14.00 -22.05 13.58
CA TRP A 229 -13.86 -23.48 13.82
C TRP A 229 -13.92 -24.27 12.52
N PHE A 230 -14.71 -23.82 11.55
CA PHE A 230 -14.84 -24.54 10.29
C PHE A 230 -13.57 -24.43 9.46
N TYR A 231 -12.98 -23.24 9.41
CA TYR A 231 -11.70 -23.12 8.72
C TYR A 231 -10.62 -23.92 9.43
N TRP A 232 -10.63 -23.91 10.77
CA TRP A 232 -9.69 -24.72 11.52
C TRP A 232 -9.88 -26.21 11.23
N SER A 233 -11.14 -26.64 11.09
CA SER A 233 -11.44 -28.03 10.78
C SER A 233 -10.98 -28.39 9.38
N ILE A 234 -11.11 -27.46 8.43
CA ILE A 234 -10.60 -27.70 7.08
C ILE A 234 -9.09 -27.90 7.12
N ASN A 235 -8.39 -27.05 7.89
CA ASN A 235 -6.94 -27.19 8.01
C ASN A 235 -6.57 -28.52 8.66
N LEU A 236 -7.30 -28.90 9.71
CA LEU A 236 -7.04 -30.18 10.38
C LEU A 236 -7.27 -31.34 9.44
N GLY A 237 -8.34 -31.26 8.63
CA GLY A 237 -8.59 -32.29 7.64
C GLY A 237 -7.49 -32.38 6.61
N ALA A 238 -6.96 -31.24 6.17
CA ALA A 238 -5.85 -31.26 5.23
C ALA A 238 -4.62 -31.93 5.83
N VAL A 239 -4.31 -31.60 7.08
CA VAL A 239 -3.13 -32.19 7.74
C VAL A 239 -3.30 -33.69 7.89
N LEU A 240 -4.44 -34.12 8.44
CA LEU A 240 -4.68 -35.55 8.63
C LEU A 240 -4.71 -36.27 7.29
N SER A 241 -5.28 -35.63 6.26
CA SER A 241 -5.29 -36.20 4.93
C SER A 241 -3.88 -36.47 4.44
N LEU A 242 -3.03 -35.44 4.48
CA LEU A 242 -1.66 -35.60 4.00
C LEU A 242 -0.96 -36.74 4.73
N LEU A 243 -0.99 -36.72 6.06
CA LEU A 243 -0.25 -37.71 6.82
C LEU A 243 -0.79 -39.11 6.58
N VAL A 244 -2.12 -39.28 6.60
CA VAL A 244 -2.70 -40.61 6.52
C VAL A 244 -2.52 -41.18 5.12
N VAL A 245 -2.70 -40.38 4.07
CA VAL A 245 -2.54 -40.92 2.73
C VAL A 245 -1.08 -41.25 2.47
N ALA A 246 -0.16 -40.39 2.92
CA ALA A 246 1.26 -40.70 2.74
C ALA A 246 1.61 -42.02 3.42
N PHE A 247 1.24 -42.16 4.70
CA PHE A 247 1.60 -43.35 5.45
C PHE A 247 0.99 -44.60 4.82
N ILE A 248 -0.31 -44.56 4.54
CA ILE A 248 -0.99 -45.77 4.06
C ILE A 248 -0.51 -46.15 2.67
N GLN A 249 -0.39 -45.17 1.76
CA GLN A 249 -0.05 -45.50 0.38
C GLN A 249 1.45 -45.70 0.17
N GLN A 250 2.31 -45.38 1.15
CA GLN A 250 3.72 -45.62 0.98
C GLN A 250 4.29 -46.72 1.88
N ASN A 251 3.58 -47.10 2.95
CA ASN A 251 4.14 -48.01 3.94
C ASN A 251 3.76 -49.47 3.70
N ILE A 252 2.46 -49.78 3.68
CA ILE A 252 2.05 -51.18 3.78
C ILE A 252 1.77 -51.79 2.41
N SER A 253 0.76 -51.29 1.72
CA SER A 253 0.32 -51.90 0.47
C SER A 253 -0.56 -50.90 -0.29
N PHE A 254 -1.24 -51.40 -1.34
CA PHE A 254 -2.10 -50.58 -2.16
C PHE A 254 -3.58 -50.83 -1.95
N LEU A 255 -3.98 -52.08 -1.66
CA LEU A 255 -5.40 -52.37 -1.45
C LEU A 255 -5.93 -51.66 -0.21
N LEU A 256 -5.12 -51.60 0.86
CA LEU A 256 -5.49 -50.80 2.01
C LEU A 256 -5.56 -49.32 1.65
N GLY A 257 -4.63 -48.85 0.81
CA GLY A 257 -4.67 -47.49 0.31
C GLY A 257 -5.85 -47.20 -0.59
N TYR A 258 -6.49 -48.25 -1.14
CA TYR A 258 -7.72 -48.08 -1.89
C TYR A 258 -8.95 -48.11 -1.01
N SER A 259 -8.94 -48.95 0.04
CA SER A 259 -10.07 -49.06 0.94
C SER A 259 -10.15 -47.93 1.95
N ILE A 260 -9.04 -47.26 2.24
CA ILE A 260 -9.07 -46.13 3.18
C ILE A 260 -9.93 -44.98 2.67
N PRO A 261 -9.79 -44.50 1.43
CA PRO A 261 -10.68 -43.40 0.98
C PRO A 261 -12.14 -43.81 0.95
N VAL A 262 -12.45 -44.98 0.42
CA VAL A 262 -13.85 -45.42 0.39
C VAL A 262 -14.36 -45.62 1.81
N GLY A 263 -13.50 -46.10 2.72
CA GLY A 263 -13.92 -46.28 4.10
C GLY A 263 -14.26 -44.98 4.79
N CYS A 264 -13.40 -43.96 4.64
CA CYS A 264 -13.69 -42.68 5.29
C CYS A 264 -14.88 -41.99 4.63
N VAL A 265 -15.03 -42.15 3.31
CA VAL A 265 -16.20 -41.60 2.64
C VAL A 265 -17.47 -42.24 3.17
N GLY A 266 -17.45 -43.57 3.31
CA GLY A 266 -18.63 -44.27 3.80
C GLY A 266 -18.98 -43.88 5.22
N LEU A 267 -17.96 -43.77 6.09
CA LEU A 267 -18.25 -43.42 7.47
C LEU A 267 -18.69 -41.96 7.60
N ALA A 268 -18.16 -41.07 6.76
CA ALA A 268 -18.64 -39.70 6.74
C ALA A 268 -20.08 -39.62 6.22
N PHE A 269 -20.41 -40.41 5.20
CA PHE A 269 -21.78 -40.48 4.71
C PHE A 269 -22.72 -40.98 5.79
N PHE A 270 -22.30 -41.99 6.56
CA PHE A 270 -23.14 -42.50 7.64
C PHE A 270 -23.28 -41.48 8.76
N ILE A 271 -22.21 -40.72 9.05
CA ILE A 271 -22.30 -39.64 10.01
C ILE A 271 -23.31 -38.59 9.55
N PHE A 272 -23.25 -38.24 8.27
CA PHE A 272 -24.20 -37.27 7.72
C PHE A 272 -25.63 -37.76 7.82
N LEU A 273 -25.88 -39.01 7.43
CA LEU A 273 -27.24 -39.54 7.47
C LEU A 273 -27.74 -39.70 8.90
N PHE A 274 -26.86 -40.07 9.84
CA PHE A 274 -27.25 -40.17 11.24
C PHE A 274 -27.58 -38.81 11.84
N ALA A 275 -27.05 -37.73 11.28
CA ALA A 275 -27.29 -36.38 11.77
C ALA A 275 -28.45 -35.70 11.08
N THR A 276 -29.20 -36.42 10.24
CA THR A 276 -30.33 -35.82 9.53
C THR A 276 -31.49 -35.40 10.46
N PRO A 277 -31.70 -36.02 11.64
CA PRO A 277 -32.76 -35.48 12.50
C PRO A 277 -32.44 -34.11 13.06
N VAL A 278 -31.20 -33.90 13.53
CA VAL A 278 -30.84 -32.61 14.09
C VAL A 278 -30.62 -31.55 13.02
N PHE A 279 -30.32 -31.96 11.79
CA PHE A 279 -30.14 -31.01 10.70
C PHE A 279 -31.48 -30.41 10.30
N ILE A 280 -31.47 -29.14 9.95
CA ILE A 280 -32.68 -28.43 9.50
C ILE A 280 -32.59 -28.24 8.00
N THR A 281 -33.50 -28.87 7.26
CA THR A 281 -33.51 -28.76 5.81
C THR A 281 -34.27 -27.52 5.39
N LYS A 282 -33.99 -27.06 4.17
CA LYS A 282 -34.63 -25.89 3.61
C LYS A 282 -35.14 -26.19 2.20
N PRO A 283 -36.27 -25.60 1.82
CA PRO A 283 -36.79 -25.83 0.47
C PRO A 283 -35.89 -25.19 -0.57
N PRO A 284 -35.85 -25.73 -1.80
CA PRO A 284 -35.04 -25.17 -2.88
C PRO A 284 -35.53 -23.80 -3.33
N PRO A 331 -37.94 -13.90 -13.11
CA PRO A 331 -38.87 -12.78 -12.85
C PRO A 331 -38.16 -11.52 -12.40
N GLN A 332 -38.89 -10.63 -11.72
CA GLN A 332 -38.29 -9.39 -11.25
C GLN A 332 -37.29 -9.60 -10.13
N GLU A 333 -37.49 -10.60 -9.28
CA GLU A 333 -36.54 -10.87 -8.20
C GLU A 333 -35.21 -11.37 -8.73
N ASP A 334 -35.23 -12.20 -9.79
CA ASP A 334 -33.98 -12.64 -10.40
C ASP A 334 -33.21 -11.46 -10.99
N ILE A 335 -33.90 -10.53 -11.63
CA ILE A 335 -33.25 -9.32 -12.14
C ILE A 335 -32.71 -8.48 -10.99
N ALA A 336 -33.47 -8.35 -9.90
CA ALA A 336 -32.97 -7.62 -8.74
C ALA A 336 -31.72 -8.26 -8.16
N ASN A 337 -31.63 -9.58 -8.23
CA ASN A 337 -30.40 -10.26 -7.82
C ASN A 337 -29.20 -9.84 -8.66
N PHE A 338 -29.42 -9.45 -9.91
CA PHE A 338 -28.31 -8.96 -10.72
C PHE A 338 -27.79 -7.62 -10.22
N GLN A 339 -28.67 -6.78 -9.67
CA GLN A 339 -28.22 -5.53 -9.05
C GLN A 339 -27.35 -5.82 -7.84
N VAL A 340 -27.65 -6.87 -7.08
CA VAL A 340 -26.78 -7.27 -5.99
C VAL A 340 -25.47 -7.84 -6.52
N LEU A 341 -25.53 -8.64 -7.57
CA LEU A 341 -24.33 -9.26 -8.13
C LEU A 341 -23.35 -8.22 -8.67
N VAL A 342 -23.85 -7.20 -9.38
CA VAL A 342 -22.97 -6.20 -9.97
C VAL A 342 -22.30 -5.32 -8.93
N LYS A 343 -22.81 -5.28 -7.69
CA LYS A 343 -22.18 -4.51 -6.63
C LYS A 343 -21.37 -5.36 -5.67
N ILE A 344 -21.65 -6.66 -5.58
CA ILE A 344 -20.85 -7.54 -4.73
C ILE A 344 -19.70 -8.21 -5.48
N LEU A 345 -19.77 -8.28 -6.81
CA LEU A 345 -18.64 -8.82 -7.58
C LEU A 345 -17.37 -7.97 -7.44
N PRO A 346 -17.40 -6.64 -7.58
CA PRO A 346 -16.14 -5.88 -7.51
C PRO A 346 -15.37 -6.10 -6.21
N VAL A 347 -16.05 -6.29 -5.09
CA VAL A 347 -15.36 -6.57 -3.83
C VAL A 347 -14.65 -7.92 -3.87
N MET A 348 -15.07 -8.82 -4.77
CA MET A 348 -14.54 -10.17 -4.82
C MET A 348 -13.55 -10.39 -5.95
N VAL A 349 -13.70 -9.67 -7.07
CA VAL A 349 -12.72 -9.76 -8.14
C VAL A 349 -11.40 -9.15 -7.71
N THR A 350 -11.45 -8.05 -6.94
CA THR A 350 -10.23 -7.48 -6.37
C THR A 350 -9.55 -8.42 -5.39
N LEU A 351 -10.25 -9.45 -4.92
CA LEU A 351 -9.65 -10.48 -4.09
C LEU A 351 -8.79 -11.43 -4.90
N VAL A 352 -9.00 -11.48 -6.23
CA VAL A 352 -8.19 -12.37 -7.07
C VAL A 352 -6.71 -12.01 -7.01
N PRO A 353 -6.30 -10.74 -7.15
CA PRO A 353 -4.86 -10.43 -6.97
C PRO A 353 -4.33 -10.80 -5.59
N TYR A 354 -5.13 -10.60 -4.54
CA TYR A 354 -4.67 -10.95 -3.19
C TYR A 354 -4.45 -12.45 -3.07
N TRP A 355 -5.42 -13.25 -3.50
CA TRP A 355 -5.25 -14.70 -3.46
C TRP A 355 -4.11 -15.15 -4.35
N MET A 356 -3.93 -14.49 -5.50
CA MET A 356 -2.77 -14.75 -6.35
C MET A 356 -1.48 -14.57 -5.57
N VAL A 357 -1.30 -13.41 -4.96
CA VAL A 357 -0.08 -13.11 -4.22
C VAL A 357 0.12 -14.10 -3.09
N TYR A 358 -0.95 -14.40 -2.35
CA TYR A 358 -0.83 -15.32 -1.22
C TYR A 358 -0.47 -16.73 -1.67
N PHE A 359 -0.99 -17.17 -2.83
CA PHE A 359 -0.73 -18.55 -3.24
C PHE A 359 0.69 -18.75 -3.73
N GLN A 360 1.27 -17.76 -4.45
CA GLN A 360 2.68 -17.88 -4.77
C GLN A 360 3.56 -17.69 -3.55
N MET A 361 3.11 -16.89 -2.58
CA MET A 361 3.83 -16.79 -1.32
C MET A 361 3.84 -18.12 -0.59
N GLN A 362 2.76 -18.88 -0.67
CA GLN A 362 2.67 -20.18 -0.02
C GLN A 362 3.81 -21.11 -0.41
N SER A 363 4.30 -21.02 -1.64
CA SER A 363 5.46 -21.80 -2.08
C SER A 363 6.76 -21.03 -2.03
N THR A 364 6.71 -19.70 -2.13
CA THR A 364 7.93 -18.91 -2.04
C THR A 364 8.51 -18.93 -0.63
N TYR A 365 7.65 -19.01 0.39
CA TYR A 365 8.14 -19.19 1.75
C TYR A 365 8.84 -20.53 1.91
N VAL A 366 8.29 -21.58 1.31
CA VAL A 366 8.94 -22.89 1.33
C VAL A 366 10.28 -22.83 0.60
N LEU A 367 10.33 -22.13 -0.54
CA LEU A 367 11.58 -21.98 -1.27
C LEU A 367 12.62 -21.22 -0.44
N GLN A 368 12.19 -20.16 0.23
CA GLN A 368 13.10 -19.39 1.08
C GLN A 368 13.63 -20.24 2.22
N GLY A 369 12.77 -21.02 2.86
CA GLY A 369 13.22 -21.95 3.89
C GLY A 369 14.13 -23.02 3.36
N LEU A 370 13.96 -23.42 2.10
CA LEU A 370 14.84 -24.41 1.49
C LEU A 370 16.23 -23.83 1.25
N HIS A 371 16.32 -22.55 0.93
CA HIS A 371 17.61 -21.88 0.75
C HIS A 371 18.35 -21.69 2.05
N LEU A 372 17.70 -21.89 3.19
CA LEU A 372 18.32 -21.74 4.50
C LEU A 372 18.84 -23.08 5.00
N HIS A 373 19.72 -23.01 6.00
CA HIS A 373 20.26 -24.21 6.63
C HIS A 373 19.31 -24.67 7.71
N ILE A 374 18.68 -25.83 7.50
CA ILE A 374 17.70 -26.33 8.46
C ILE A 374 18.42 -26.73 9.75
N PRO A 375 17.90 -26.38 10.92
CA PRO A 375 18.55 -26.79 12.16
C PRO A 375 18.18 -28.21 12.55
N ASN A 376 19.03 -28.80 13.38
CA ASN A 376 18.83 -30.16 13.89
C ASN A 376 18.47 -30.08 15.36
N ILE A 377 17.17 -30.13 15.65
CA ILE A 377 16.68 -30.07 17.03
C ILE A 377 15.64 -31.16 17.22
N PHE A 378 15.80 -31.93 18.29
CA PHE A 378 14.87 -33.02 18.63
C PHE A 378 14.71 -34.00 17.47
N PRO A 379 15.83 -34.32 16.82
CA PRO A 379 15.86 -35.25 15.69
C PRO A 379 14.88 -34.85 14.59
N ILE A 398 8.39 -36.41 3.79
CA ILE A 398 9.01 -35.64 2.72
C ILE A 398 9.29 -34.22 3.21
N PRO A 399 10.58 -33.83 3.20
CA PRO A 399 10.93 -32.52 3.77
C PRO A 399 10.42 -31.34 2.97
N GLU A 400 10.55 -31.37 1.64
CA GLU A 400 10.16 -30.22 0.83
C GLU A 400 8.66 -29.95 0.90
N ALA A 401 7.84 -30.96 1.18
CA ALA A 401 6.41 -30.76 1.35
C ALA A 401 6.00 -30.55 2.79
N TRP A 402 6.95 -30.59 3.74
CA TRP A 402 6.59 -30.42 5.14
C TRP A 402 6.25 -28.97 5.48
N LEU A 403 6.84 -28.01 4.77
CA LEU A 403 6.51 -26.62 5.04
C LEU A 403 5.09 -26.27 4.59
N LEU A 404 4.55 -26.98 3.61
CA LEU A 404 3.15 -26.80 3.26
C LEU A 404 2.25 -27.15 4.44
N LEU A 405 2.54 -28.26 5.13
CA LEU A 405 1.80 -28.63 6.33
C LEU A 405 2.12 -27.74 7.51
N ALA A 406 3.33 -27.15 7.55
CA ALA A 406 3.64 -26.17 8.58
C ALA A 406 2.78 -24.92 8.43
N ASN A 407 2.57 -24.46 7.20
CA ASN A 407 1.66 -23.35 6.96
C ASN A 407 0.24 -23.67 7.38
N VAL A 408 -0.12 -24.95 7.44
CA VAL A 408 -1.45 -25.35 7.89
C VAL A 408 -1.52 -25.47 9.40
N VAL A 409 -0.46 -25.99 10.03
CA VAL A 409 -0.45 -26.10 11.49
C VAL A 409 -0.36 -24.72 12.14
N VAL A 410 0.22 -23.74 11.44
CA VAL A 410 0.23 -22.38 11.95
C VAL A 410 -1.21 -21.87 12.09
N VAL A 411 -2.03 -22.07 11.08
CA VAL A 411 -3.45 -21.73 11.20
C VAL A 411 -4.14 -22.62 12.22
N LEU A 412 -3.75 -23.90 12.30
CA LEU A 412 -4.32 -24.80 13.29
C LEU A 412 -4.13 -24.31 14.71
N ILE A 413 -3.05 -23.59 14.98
CA ILE A 413 -2.80 -23.06 16.33
C ILE A 413 -3.28 -21.62 16.50
N LEU A 414 -3.37 -20.82 15.43
CA LEU A 414 -3.84 -19.44 15.61
C LEU A 414 -5.34 -19.37 15.86
N VAL A 415 -6.13 -20.14 15.11
CA VAL A 415 -7.59 -20.06 15.20
C VAL A 415 -8.09 -20.32 16.62
N PRO A 416 -7.57 -21.30 17.37
CA PRO A 416 -8.00 -21.42 18.77
C PRO A 416 -7.69 -20.17 19.60
N LEU A 417 -6.45 -19.68 19.55
CA LEU A 417 -6.09 -18.48 20.30
C LEU A 417 -6.90 -17.28 19.83
N LYS A 418 -7.05 -17.13 18.51
CA LYS A 418 -7.86 -16.04 18.00
C LYS A 418 -9.28 -16.10 18.53
N ASP A 419 -9.93 -17.26 18.42
CA ASP A 419 -11.31 -17.41 18.87
C ASP A 419 -11.45 -17.14 20.36
N ARG A 420 -10.52 -17.64 21.18
CA ARG A 420 -10.66 -17.50 22.62
C ARG A 420 -10.24 -16.13 23.15
N LEU A 421 -9.42 -15.38 22.43
CA LEU A 421 -8.91 -14.11 22.94
C LEU A 421 -9.35 -12.90 22.15
N ILE A 422 -9.17 -12.89 20.84
CA ILE A 422 -9.36 -11.67 20.06
C ILE A 422 -10.82 -11.24 20.09
N ASP A 423 -11.74 -12.18 19.89
CA ASP A 423 -13.16 -11.82 19.82
C ASP A 423 -13.68 -11.18 21.11
N PRO A 424 -13.41 -11.71 22.31
CA PRO A 424 -13.85 -10.97 23.51
C PRO A 424 -13.27 -9.58 23.63
N LEU A 425 -11.98 -9.41 23.32
CA LEU A 425 -11.39 -8.07 23.38
C LEU A 425 -11.91 -7.21 22.23
N LEU A 426 -12.13 -7.80 21.05
CA LEU A 426 -12.68 -7.04 19.93
C LEU A 426 -14.12 -6.62 20.18
N LEU A 427 -14.78 -7.22 21.17
CA LEU A 427 -16.13 -6.81 21.53
C LEU A 427 -16.17 -5.87 22.73
N ARG A 428 -15.22 -6.00 23.66
CA ARG A 428 -15.22 -5.09 24.80
C ARG A 428 -14.55 -3.76 24.47
N CYS A 429 -13.59 -3.76 23.53
CA CYS A 429 -12.92 -2.53 23.14
C CYS A 429 -13.66 -1.76 22.05
N LYS A 430 -14.67 -2.36 21.42
CA LYS A 430 -15.54 -1.69 20.46
C LYS A 430 -14.75 -1.13 19.28
N LEU A 431 -14.04 -2.03 18.58
CA LEU A 431 -13.36 -1.63 17.36
C LEU A 431 -14.29 -1.58 16.16
N LEU A 432 -15.45 -2.21 16.25
CA LEU A 432 -16.46 -2.23 15.19
C LEU A 432 -15.91 -2.65 13.82
N PRO A 433 -15.29 -3.84 13.71
CA PRO A 433 -14.87 -4.33 12.38
C PRO A 433 -15.95 -5.18 11.71
N SER A 434 -16.99 -4.50 11.21
CA SER A 434 -18.20 -5.17 10.74
C SER A 434 -17.97 -5.89 9.41
N ALA A 435 -17.19 -6.96 9.47
CA ALA A 435 -16.99 -7.96 8.42
C ALA A 435 -16.28 -7.42 7.18
N LEU A 436 -15.98 -6.13 7.12
CA LEU A 436 -15.25 -5.55 5.99
C LEU A 436 -13.93 -4.91 6.41
N GLN A 437 -13.93 -4.13 7.49
CA GLN A 437 -12.66 -3.66 8.04
C GLN A 437 -11.81 -4.81 8.52
N LYS A 438 -12.43 -5.93 8.93
CA LYS A 438 -11.66 -7.12 9.25
C LYS A 438 -10.92 -7.65 8.02
N MET A 439 -11.59 -7.67 6.87
CA MET A 439 -10.94 -8.11 5.64
C MET A 439 -9.83 -7.15 5.22
N ALA A 440 -10.07 -5.84 5.34
CA ALA A 440 -9.04 -4.87 5.01
C ALA A 440 -7.84 -5.01 5.95
N LEU A 441 -8.09 -5.25 7.23
CA LEU A 441 -7.00 -5.50 8.18
C LEU A 441 -6.27 -6.79 7.85
N GLY A 442 -6.99 -7.81 7.37
CA GLY A 442 -6.32 -9.04 6.97
C GLY A 442 -5.39 -8.83 5.81
N MET A 443 -5.83 -8.06 4.81
CA MET A 443 -4.94 -7.81 3.68
C MET A 443 -3.81 -6.85 4.04
N PHE A 444 -4.04 -5.95 4.98
CA PHE A 444 -2.95 -5.12 5.50
C PHE A 444 -1.93 -5.98 6.24
N PHE A 445 -2.40 -6.97 7.00
CA PHE A 445 -1.47 -7.92 7.63
C PHE A 445 -0.72 -8.73 6.59
N GLY A 446 -1.38 -9.09 5.48
CA GLY A 446 -0.67 -9.75 4.40
C GLY A 446 0.43 -8.87 3.81
N PHE A 447 0.13 -7.59 3.61
CA PHE A 447 1.15 -6.65 3.15
C PHE A 447 2.29 -6.54 4.15
N THR A 448 1.97 -6.49 5.44
CA THR A 448 3.03 -6.46 6.46
C THR A 448 3.85 -7.74 6.44
N SER A 449 3.23 -8.88 6.18
CA SER A 449 3.97 -10.13 6.06
C SER A 449 4.91 -10.09 4.87
N VAL A 450 4.45 -9.53 3.75
CA VAL A 450 5.35 -9.36 2.61
C VAL A 450 6.49 -8.41 2.97
N ILE A 451 6.21 -7.38 3.76
CA ILE A 451 7.26 -6.47 4.21
C ILE A 451 8.30 -7.20 5.03
N VAL A 452 7.85 -8.05 5.97
CA VAL A 452 8.79 -8.81 6.78
C VAL A 452 9.58 -9.80 5.92
N ALA A 453 8.92 -10.41 4.93
CA ALA A 453 9.62 -11.32 4.04
C ALA A 453 10.70 -10.59 3.24
N GLY A 454 10.39 -9.39 2.76
CA GLY A 454 11.39 -8.60 2.04
C GLY A 454 12.53 -8.18 2.94
N VAL A 455 12.23 -7.81 4.19
CA VAL A 455 13.27 -7.47 5.14
C VAL A 455 14.19 -8.66 5.38
N LEU A 456 13.60 -9.85 5.54
CA LEU A 456 14.41 -11.05 5.71
C LEU A 456 15.24 -11.35 4.47
N GLU A 457 14.68 -11.14 3.28
CA GLU A 457 15.42 -11.37 2.04
C GLU A 457 16.63 -10.44 1.95
N MET A 458 16.42 -9.16 2.25
CA MET A 458 17.54 -8.23 2.23
C MET A 458 18.57 -8.55 3.31
N GLU A 459 18.12 -9.03 4.48
CA GLU A 459 19.07 -9.49 5.49
C GLU A 459 19.88 -10.67 4.98
N ARG A 460 19.25 -11.61 4.28
CA ARG A 460 19.96 -12.75 3.72
C ARG A 460 21.01 -12.31 2.71
N LEU A 461 20.64 -11.38 1.81
CA LEU A 461 21.61 -10.88 0.84
C LEU A 461 22.72 -10.09 1.50
N HIS A 462 22.42 -9.37 2.58
CA HIS A 462 23.45 -8.60 3.28
C HIS A 462 24.52 -9.51 3.89
N TYR A 463 24.12 -10.65 4.44
CA TYR A 463 25.10 -11.58 4.99
C TYR A 463 25.99 -12.15 3.90
N ILE A 464 25.41 -12.46 2.73
CA ILE A 464 26.22 -12.91 1.61
C ILE A 464 27.19 -11.83 1.17
N HIS A 465 26.74 -10.57 1.13
CA HIS A 465 27.64 -9.47 0.81
C HIS A 465 28.74 -9.31 1.85
N HIS A 466 28.44 -9.67 3.11
CA HIS A 466 29.46 -9.59 4.15
C HIS A 466 30.62 -10.55 3.87
N ASN A 467 30.31 -11.75 3.39
CA ASN A 467 31.31 -12.77 3.10
C ASN A 467 32.15 -13.10 4.32
N ALA A 481 24.68 -21.08 2.66
CA ALA A 481 25.93 -20.65 3.28
C ALA A 481 25.76 -20.49 4.78
N ALA A 482 24.54 -20.15 5.21
CA ALA A 482 24.23 -19.94 6.61
C ALA A 482 22.73 -20.10 6.80
N PRO A 483 22.27 -20.38 8.02
CA PRO A 483 20.82 -20.42 8.26
C PRO A 483 20.13 -19.09 7.97
N LEU A 484 20.85 -17.97 8.09
CA LEU A 484 20.30 -16.64 7.80
C LEU A 484 19.04 -16.37 8.61
N SER A 485 19.11 -16.67 9.91
CA SER A 485 17.99 -16.50 10.84
C SER A 485 16.76 -17.28 10.37
N ILE A 486 16.95 -18.60 10.29
CA ILE A 486 15.83 -19.47 9.90
C ILE A 486 14.74 -19.45 10.97
N TRP A 487 15.11 -19.26 12.24
CA TRP A 487 14.13 -19.11 13.30
C TRP A 487 13.36 -17.79 13.19
N TRP A 488 13.87 -16.82 12.44
CA TRP A 488 13.15 -15.57 12.21
C TRP A 488 12.13 -15.67 11.09
N GLN A 489 11.80 -16.88 10.64
CA GLN A 489 10.73 -17.09 9.68
C GLN A 489 9.40 -17.38 10.35
N ILE A 490 9.41 -17.79 11.61
CA ILE A 490 8.18 -17.99 12.38
C ILE A 490 7.37 -16.70 12.50
N PRO A 491 7.97 -15.53 12.75
CA PRO A 491 7.14 -14.31 12.77
C PRO A 491 6.43 -14.03 11.46
N GLN A 492 7.10 -14.21 10.32
CA GLN A 492 6.44 -13.96 9.05
C GLN A 492 5.41 -15.03 8.72
N TYR A 493 5.66 -16.28 9.12
CA TYR A 493 4.64 -17.32 8.96
C TYR A 493 3.42 -17.03 9.81
N LEU A 494 3.63 -16.58 11.04
CA LEU A 494 2.51 -16.19 11.90
C LEU A 494 1.75 -15.01 11.30
N LEU A 495 2.47 -14.05 10.73
CA LEU A 495 1.81 -12.90 10.11
C LEU A 495 0.98 -13.30 8.90
N ILE A 496 1.52 -14.18 8.06
CA ILE A 496 0.74 -14.65 6.92
C ILE A 496 -0.45 -15.49 7.36
N GLY A 497 -0.31 -16.27 8.44
CA GLY A 497 -1.45 -16.97 8.98
C GLY A 497 -2.51 -16.03 9.52
N ILE A 498 -2.09 -14.94 10.16
CA ILE A 498 -3.04 -13.93 10.63
C ILE A 498 -3.77 -13.30 9.45
N SER A 499 -3.04 -12.98 8.38
CA SER A 499 -3.71 -12.45 7.19
C SER A 499 -4.70 -13.44 6.61
N GLU A 500 -4.32 -14.72 6.55
CA GLU A 500 -5.21 -15.74 6.02
C GLU A 500 -6.48 -15.88 6.86
N ILE A 501 -6.34 -15.91 8.19
CA ILE A 501 -7.51 -16.06 9.04
C ILE A 501 -8.38 -14.81 9.04
N PHE A 502 -7.79 -13.62 8.88
CA PHE A 502 -8.57 -12.39 8.83
C PHE A 502 -9.12 -12.09 7.45
N ALA A 503 -8.70 -12.83 6.42
CA ALA A 503 -9.24 -12.65 5.08
C ALA A 503 -10.19 -13.75 4.64
N SER A 504 -10.08 -14.95 5.21
CA SER A 504 -10.95 -16.05 4.79
C SER A 504 -12.24 -16.08 5.60
N ILE A 505 -12.13 -16.20 6.92
CA ILE A 505 -13.32 -16.26 7.77
C ILE A 505 -14.16 -14.98 7.68
N PRO A 506 -13.58 -13.77 7.82
CA PRO A 506 -14.39 -12.58 7.54
C PRO A 506 -14.87 -12.52 6.10
N GLY A 507 -14.12 -13.10 5.16
CA GLY A 507 -14.60 -13.19 3.80
C GLY A 507 -15.85 -14.01 3.67
N LEU A 508 -15.88 -15.18 4.32
CA LEU A 508 -17.07 -16.01 4.32
C LEU A 508 -18.23 -15.30 5.00
N GLU A 509 -17.94 -14.64 6.13
CA GLU A 509 -18.99 -13.92 6.84
C GLU A 509 -19.58 -12.79 6.01
N PHE A 510 -18.75 -12.08 5.26
CA PHE A 510 -19.26 -11.03 4.37
C PHE A 510 -20.01 -11.62 3.19
N ALA A 511 -19.53 -12.73 2.64
CA ALA A 511 -20.24 -13.39 1.56
C ALA A 511 -21.62 -13.85 2.02
N TYR A 512 -21.76 -14.15 3.32
CA TYR A 512 -23.08 -14.44 3.88
C TYR A 512 -23.81 -13.19 4.33
N SER A 513 -23.17 -12.03 4.30
CA SER A 513 -23.89 -10.78 4.55
C SER A 513 -24.71 -10.37 3.34
N GLU A 514 -24.22 -10.68 2.14
CA GLU A 514 -24.92 -10.47 0.88
C GLU A 514 -25.49 -11.76 0.34
N ALA A 515 -26.03 -12.59 1.22
CA ALA A 515 -26.49 -13.96 1.02
C ALA A 515 -27.80 -14.19 0.25
N PRO A 516 -28.72 -13.18 0.11
CA PRO A 516 -30.17 -13.48 0.16
C PRO A 516 -30.59 -14.81 -0.45
N ARG A 517 -31.43 -15.53 0.29
CA ARG A 517 -31.55 -16.98 0.14
C ARG A 517 -32.27 -17.38 -1.15
N SER A 518 -31.63 -17.13 -2.29
CA SER A 518 -32.08 -17.69 -3.55
C SER A 518 -30.90 -18.39 -4.22
N MET A 519 -29.70 -17.85 -4.03
CA MET A 519 -28.47 -18.42 -4.57
C MET A 519 -27.36 -18.32 -3.52
N GLN A 520 -27.69 -18.69 -2.28
CA GLN A 520 -26.71 -18.59 -1.20
C GLN A 520 -25.49 -19.46 -1.45
N GLY A 521 -25.69 -20.66 -2.01
CA GLY A 521 -24.55 -21.49 -2.36
C GLY A 521 -23.78 -21.03 -3.57
N ALA A 522 -24.44 -20.28 -4.48
CA ALA A 522 -23.75 -19.79 -5.66
C ALA A 522 -22.67 -18.78 -5.29
N ILE A 523 -22.95 -17.90 -4.33
CA ILE A 523 -21.96 -16.94 -3.90
C ILE A 523 -20.78 -17.63 -3.20
N MET A 524 -21.03 -18.70 -2.46
CA MET A 524 -19.94 -19.47 -1.88
C MET A 524 -19.11 -20.17 -2.96
N GLY A 525 -19.78 -20.73 -3.96
CA GLY A 525 -19.06 -21.34 -5.05
C GLY A 525 -18.17 -20.37 -5.79
N ILE A 526 -18.70 -19.16 -6.06
CA ILE A 526 -17.88 -18.16 -6.74
C ILE A 526 -16.78 -17.62 -5.83
N PHE A 527 -17.01 -17.54 -4.51
CA PHE A 527 -15.95 -17.12 -3.61
C PHE A 527 -14.80 -18.12 -3.61
N PHE A 528 -15.12 -19.42 -3.58
CA PHE A 528 -14.06 -20.41 -3.70
C PHE A 528 -13.44 -20.42 -5.10
N CYS A 529 -14.23 -20.08 -6.12
CA CYS A 529 -13.68 -19.91 -7.46
C CYS A 529 -12.66 -18.78 -7.51
N LEU A 530 -12.85 -17.75 -6.68
CA LEU A 530 -11.84 -16.69 -6.58
C LEU A 530 -10.50 -17.27 -6.15
N SER A 531 -10.49 -18.08 -5.09
CA SER A 531 -9.25 -18.69 -4.63
C SER A 531 -8.68 -19.64 -5.67
N GLY A 532 -9.55 -20.39 -6.35
CA GLY A 532 -9.06 -21.28 -7.40
C GLY A 532 -8.42 -20.53 -8.55
N VAL A 533 -9.06 -19.45 -9.01
CA VAL A 533 -8.50 -18.63 -10.08
C VAL A 533 -7.19 -18.01 -9.64
N GLY A 534 -7.13 -17.51 -8.40
CA GLY A 534 -5.88 -16.98 -7.89
C GLY A 534 -4.76 -17.99 -7.84
N SER A 535 -5.03 -19.20 -7.36
CA SER A 535 -4.01 -20.24 -7.32
C SER A 535 -3.55 -20.62 -8.73
N LEU A 536 -4.49 -20.78 -9.65
CA LEU A 536 -4.12 -21.16 -11.02
C LEU A 536 -3.30 -20.07 -11.70
N LEU A 537 -3.70 -18.81 -11.52
CA LEU A 537 -2.96 -17.71 -12.13
C LEU A 537 -1.60 -17.54 -11.49
N GLY A 538 -1.50 -17.75 -10.18
CA GLY A 538 -0.19 -17.71 -9.53
C GLY A 538 0.73 -18.81 -10.02
N SER A 539 0.19 -20.02 -10.19
CA SER A 539 0.98 -21.11 -10.74
C SER A 539 1.42 -20.82 -12.18
N SER A 540 0.52 -20.24 -12.99
CA SER A 540 0.90 -19.88 -14.35
C SER A 540 1.98 -18.81 -14.37
N LEU A 541 1.87 -17.82 -13.47
CA LEU A 541 2.88 -16.78 -13.39
C LEU A 541 4.23 -17.35 -12.95
N VAL A 542 4.19 -18.28 -11.99
CA VAL A 542 5.43 -18.93 -11.54
C VAL A 542 6.06 -19.71 -12.69
N ALA A 543 5.25 -20.45 -13.44
CA ALA A 543 5.79 -21.18 -14.59
C ALA A 543 6.35 -20.23 -15.64
N LEU A 544 5.68 -19.10 -15.89
CA LEU A 544 6.15 -18.15 -16.88
C LEU A 544 7.48 -17.51 -16.45
N LEU A 545 7.64 -17.25 -15.15
CA LEU A 545 8.88 -16.67 -14.66
C LEU A 545 9.95 -17.72 -14.39
N SER A 546 9.61 -19.01 -14.46
CA SER A 546 10.57 -20.07 -14.20
C SER A 546 11.39 -20.44 -15.44
N LEU A 547 10.75 -20.98 -16.47
CA LEU A 547 11.50 -21.53 -17.59
C LEU A 547 12.09 -20.41 -18.45
N PRO A 548 11.29 -19.43 -18.95
CA PRO A 548 11.89 -18.35 -19.73
C PRO A 548 12.12 -17.07 -18.94
N GLY A 549 11.47 -16.94 -17.78
CA GLY A 549 11.51 -15.70 -17.03
C GLY A 549 12.77 -15.53 -16.20
N GLY A 550 13.04 -16.50 -15.33
CA GLY A 550 14.17 -16.47 -14.44
C GLY A 550 13.84 -16.02 -13.03
N TRP A 551 12.85 -15.15 -12.88
CA TRP A 551 12.47 -14.67 -11.56
C TRP A 551 12.02 -15.81 -10.65
N LEU A 552 11.31 -16.78 -11.21
CA LEU A 552 10.89 -17.96 -10.47
C LEU A 552 11.74 -19.18 -10.77
N HIS A 553 12.86 -19.01 -11.50
CA HIS A 553 13.82 -20.07 -11.72
C HIS A 553 14.83 -20.19 -10.59
N CYS A 554 14.57 -19.52 -9.47
CA CYS A 554 15.47 -19.60 -8.33
C CYS A 554 15.70 -21.02 -7.79
N PRO A 555 14.70 -21.92 -7.73
CA PRO A 555 14.96 -23.25 -7.17
C PRO A 555 16.10 -24.01 -7.84
N LYS A 556 16.33 -23.79 -9.13
CA LYS A 556 17.43 -24.48 -9.80
C LYS A 556 18.77 -24.03 -9.20
N ASP A 557 19.67 -24.99 -9.01
CA ASP A 557 20.96 -24.75 -8.36
C ASP A 557 20.78 -24.10 -6.99
N PHE A 558 19.68 -24.45 -6.31
CA PHE A 558 19.29 -23.92 -5.01
C PHE A 558 19.56 -22.43 -4.86
N GLY A 559 19.30 -21.66 -5.92
CA GLY A 559 19.47 -20.23 -5.89
C GLY A 559 20.89 -19.77 -5.62
N ASN A 560 21.86 -20.44 -6.25
CA ASN A 560 23.28 -20.09 -6.09
C ASN A 560 23.74 -19.12 -7.17
N ILE A 561 23.63 -19.51 -8.43
CA ILE A 561 24.01 -18.64 -9.55
C ILE A 561 22.94 -18.73 -10.62
N ASN A 562 22.09 -17.72 -10.69
CA ASN A 562 20.99 -17.65 -11.65
C ASN A 562 20.44 -16.24 -11.65
N ASN A 563 19.43 -16.00 -12.47
CA ASN A 563 18.70 -14.73 -12.48
C ASN A 563 17.51 -14.81 -11.53
N CYS A 564 17.81 -15.20 -10.28
CA CYS A 564 16.78 -15.43 -9.29
C CYS A 564 15.96 -14.17 -9.03
N ARG A 565 16.64 -13.06 -8.75
CA ARG A 565 15.98 -11.77 -8.49
C ARG A 565 14.91 -11.90 -7.41
N MET A 566 15.25 -12.59 -6.33
CA MET A 566 14.28 -12.76 -5.23
C MET A 566 13.92 -11.43 -4.60
N ASP A 567 14.89 -10.52 -4.46
CA ASP A 567 14.60 -9.19 -3.94
C ASP A 567 13.61 -8.45 -4.83
N LEU A 568 13.87 -8.47 -6.15
CA LEU A 568 12.96 -7.81 -7.09
C LEU A 568 11.58 -8.45 -7.05
N TYR A 569 11.50 -9.78 -7.02
CA TYR A 569 10.21 -10.44 -6.99
C TYR A 569 9.45 -10.09 -5.72
N PHE A 570 10.11 -10.10 -4.57
CA PHE A 570 9.43 -9.77 -3.33
C PHE A 570 8.99 -8.31 -3.29
N PHE A 571 9.80 -7.40 -3.84
CA PHE A 571 9.42 -5.99 -3.84
C PHE A 571 8.25 -5.74 -4.78
N LEU A 572 8.26 -6.36 -5.97
CA LEU A 572 7.13 -6.22 -6.87
C LEU A 572 5.88 -6.87 -6.29
N LEU A 573 6.05 -7.98 -5.57
CA LEU A 573 4.92 -8.61 -4.90
C LEU A 573 4.35 -7.71 -3.82
N ALA A 574 5.22 -7.03 -3.06
CA ALA A 574 4.75 -6.06 -2.08
C ALA A 574 4.00 -4.92 -2.74
N GLY A 575 4.50 -4.43 -3.88
CA GLY A 575 3.78 -3.41 -4.61
C GLY A 575 2.42 -3.87 -5.08
N ILE A 576 2.34 -5.09 -5.61
CA ILE A 576 1.05 -5.63 -6.06
C ILE A 576 0.10 -5.80 -4.88
N GLN A 577 0.60 -6.26 -3.74
CA GLN A 577 -0.24 -6.42 -2.56
C GLN A 577 -0.74 -5.07 -2.06
N ALA A 578 0.11 -4.04 -2.08
CA ALA A 578 -0.32 -2.71 -1.67
C ALA A 578 -1.37 -2.15 -2.62
N VAL A 579 -1.18 -2.36 -3.92
CA VAL A 579 -2.18 -1.92 -4.89
C VAL A 579 -3.50 -2.65 -4.67
N THR A 580 -3.42 -3.95 -4.38
CA THR A 580 -4.62 -4.72 -4.09
C THR A 580 -5.33 -4.22 -2.84
N ALA A 581 -4.55 -3.87 -1.80
CA ALA A 581 -5.14 -3.33 -0.59
C ALA A 581 -5.82 -2.00 -0.85
N LEU A 582 -5.17 -1.12 -1.62
CA LEU A 582 -5.77 0.16 -1.96
C LEU A 582 -7.06 -0.01 -2.75
N LEU A 583 -7.05 -0.92 -3.72
CA LEU A 583 -8.26 -1.21 -4.49
C LEU A 583 -9.36 -1.77 -3.60
N PHE A 584 -9.01 -2.66 -2.67
CA PHE A 584 -10.01 -3.23 -1.78
C PHE A 584 -10.62 -2.16 -0.88
N VAL A 585 -9.80 -1.24 -0.36
CA VAL A 585 -10.33 -0.18 0.47
C VAL A 585 -11.24 0.74 -0.33
N TRP A 586 -10.83 1.09 -1.55
CA TRP A 586 -11.67 1.94 -2.40
C TRP A 586 -13.00 1.26 -2.72
N ILE A 587 -12.95 -0.02 -3.07
CA ILE A 587 -14.16 -0.74 -3.43
C ILE A 587 -15.07 -0.93 -2.22
N ALA A 588 -14.47 -1.18 -1.05
CA ALA A 588 -15.27 -1.23 0.18
C ALA A 588 -15.93 0.11 0.47
N GLY A 589 -15.21 1.21 0.28
CA GLY A 589 -15.81 2.52 0.45
C GLY A 589 -16.98 2.75 -0.47
N ARG A 590 -16.85 2.33 -1.72
CA ARG A 590 -18.00 2.40 -2.64
C ARG A 590 -19.11 1.43 -2.26
N TYR A 591 -18.79 0.32 -1.60
CA TYR A 591 -19.79 -0.71 -1.31
C TYR A 591 -20.85 -0.20 -0.34
N GLU A 592 -20.43 0.46 0.74
CA GLU A 592 -21.39 0.95 1.72
C GLU A 592 -22.27 2.06 1.17
N ARG A 593 -21.89 2.67 0.05
CA ARG A 593 -22.69 3.72 -0.56
C ARG A 593 -23.89 3.14 -1.32
N PRO B 55 -11.50 39.44 -10.84
CA PRO B 55 -11.38 39.25 -12.28
C PRO B 55 -12.33 40.15 -13.08
N ARG B 56 -12.33 41.45 -12.76
CA ARG B 56 -13.18 42.40 -13.47
C ARG B 56 -12.83 42.45 -14.95
N ARG B 57 -11.62 42.92 -15.26
CA ARG B 57 -11.15 42.94 -16.65
C ARG B 57 -9.71 42.47 -16.82
N TRP B 58 -8.86 42.59 -15.82
CA TRP B 58 -7.44 42.27 -15.92
C TRP B 58 -7.06 41.08 -15.05
N ARG B 59 -7.88 40.02 -15.09
CA ARG B 59 -7.61 38.85 -14.27
C ARG B 59 -6.27 38.21 -14.62
N ARG B 60 -5.87 38.26 -15.89
CA ARG B 60 -4.53 37.80 -16.26
C ARG B 60 -3.47 38.68 -15.61
N ALA B 61 -3.70 39.99 -15.60
CA ALA B 61 -2.75 40.90 -14.95
C ALA B 61 -2.70 40.68 -13.45
N ALA B 62 -3.86 40.46 -12.81
CA ALA B 62 -3.87 40.21 -11.38
C ALA B 62 -3.15 38.91 -11.03
N GLY B 63 -3.40 37.86 -11.81
CA GLY B 63 -2.69 36.61 -11.59
C GLY B 63 -1.20 36.74 -11.80
N ALA B 64 -0.79 37.44 -12.85
CA ALA B 64 0.63 37.66 -13.09
C ALA B 64 1.28 38.44 -11.96
N ALA B 65 0.58 39.46 -11.44
CA ALA B 65 1.11 40.23 -10.33
C ALA B 65 1.25 39.37 -9.08
N VAL B 66 0.26 38.51 -8.81
CA VAL B 66 0.33 37.63 -7.64
C VAL B 66 1.52 36.67 -7.79
N LEU B 67 1.68 36.08 -8.97
CA LEU B 67 2.79 35.15 -9.18
C LEU B 67 4.13 35.88 -9.05
N LEU B 68 4.24 37.09 -9.61
CA LEU B 68 5.48 37.83 -9.54
C LEU B 68 5.83 38.19 -8.11
N VAL B 69 4.86 38.69 -7.35
CA VAL B 69 5.16 39.07 -5.96
C VAL B 69 5.48 37.83 -5.14
N GLU B 70 4.84 36.69 -5.41
CA GLU B 70 5.14 35.47 -4.68
C GLU B 70 6.56 34.99 -4.98
N MET B 71 6.93 34.94 -6.26
CA MET B 71 8.26 34.45 -6.62
C MET B 71 9.34 35.40 -6.10
N LEU B 72 9.09 36.70 -6.13
CA LEU B 72 10.07 37.65 -5.61
C LEU B 72 10.18 37.57 -4.09
N GLU B 73 9.05 37.34 -3.41
CA GLU B 73 9.09 37.13 -1.98
C GLU B 73 9.90 35.89 -1.62
N ARG B 74 9.72 34.80 -2.38
CA ARG B 74 10.51 33.60 -2.15
C ARG B 74 11.99 33.84 -2.42
N ALA B 75 12.30 34.61 -3.48
CA ALA B 75 13.69 34.94 -3.77
C ALA B 75 14.34 35.70 -2.63
N ALA B 76 13.65 36.74 -2.14
CA ALA B 76 14.16 37.49 -1.01
C ALA B 76 14.28 36.61 0.23
N PHE B 77 13.32 35.71 0.43
CA PHE B 77 13.36 34.80 1.57
C PHE B 77 14.65 33.98 1.56
N PHE B 78 14.93 33.32 0.44
CA PHE B 78 16.14 32.51 0.37
C PHE B 78 17.39 33.37 0.51
N GLY B 79 17.41 34.53 -0.12
CA GLY B 79 18.59 35.39 -0.05
C GLY B 79 18.90 35.84 1.37
N VAL B 80 17.89 36.36 2.07
CA VAL B 80 18.11 36.86 3.42
C VAL B 80 18.40 35.71 4.39
N THR B 81 17.78 34.55 4.19
CA THR B 81 18.08 33.41 5.06
C THR B 81 19.53 32.99 4.90
N ALA B 82 20.01 32.90 3.65
CA ALA B 82 21.42 32.55 3.43
C ALA B 82 22.34 33.61 4.02
N ASN B 83 21.99 34.88 3.84
CA ASN B 83 22.82 35.97 4.37
C ASN B 83 22.96 35.88 5.88
N LEU B 84 21.83 35.73 6.59
CA LEU B 84 21.87 35.70 8.04
C LEU B 84 22.53 34.42 8.55
N VAL B 85 22.34 33.29 7.85
CA VAL B 85 23.03 32.07 8.24
C VAL B 85 24.54 32.23 8.11
N LEU B 86 24.99 32.83 7.01
CA LEU B 86 26.42 33.06 6.83
C LEU B 86 26.97 33.99 7.90
N TYR B 87 26.23 35.06 8.22
CA TYR B 87 26.66 35.99 9.27
C TYR B 87 26.78 35.28 10.61
N LEU B 88 25.79 34.46 10.95
CA LEU B 88 25.82 33.73 12.22
C LEU B 88 26.98 32.77 12.26
N ASN B 89 27.22 32.03 11.18
CA ASN B 89 28.36 31.12 11.15
C ASN B 89 29.67 31.89 11.22
N SER B 90 29.70 33.13 10.73
CA SER B 90 30.96 33.84 10.61
C SER B 90 31.37 34.53 11.91
N THR B 91 30.58 35.50 12.37
CA THR B 91 31.18 36.51 13.26
C THR B 91 31.67 35.98 14.61
N ASN B 92 30.77 35.74 15.57
CA ASN B 92 31.19 34.97 16.74
C ASN B 92 30.23 33.83 17.05
N PHE B 93 28.99 34.18 17.41
CA PHE B 93 27.88 33.26 17.60
C PHE B 93 28.32 31.95 18.26
N ASN B 94 28.77 32.01 19.51
CA ASN B 94 29.59 30.99 20.16
C ASN B 94 29.31 29.57 19.70
N TRP B 95 28.03 29.18 19.60
CA TRP B 95 27.70 27.87 19.06
C TRP B 95 28.03 27.74 17.58
N THR B 96 28.05 28.84 16.83
CA THR B 96 28.30 28.88 15.39
C THR B 96 27.28 28.11 14.59
N GLY B 97 26.22 27.60 15.22
CA GLY B 97 25.19 26.85 14.53
C GLY B 97 25.65 25.47 14.11
N GLU B 98 26.96 25.26 14.02
CA GLU B 98 27.55 24.02 13.52
C GLU B 98 26.93 23.65 12.17
N GLN B 99 26.75 24.66 11.32
CA GLN B 99 25.97 24.51 10.11
C GLN B 99 26.61 25.28 8.97
N ALA B 100 26.63 24.67 7.79
CA ALA B 100 27.09 25.31 6.57
C ALA B 100 26.09 25.20 5.43
N THR B 101 25.37 24.08 5.33
CA THR B 101 24.38 23.86 4.29
C THR B 101 23.25 23.02 4.87
N ARG B 102 22.10 23.05 4.20
CA ARG B 102 20.84 22.38 4.52
C ARG B 102 20.07 23.12 5.63
N ALA B 103 20.67 24.10 6.30
CA ALA B 103 19.94 24.87 7.31
C ALA B 103 18.77 25.63 6.71
N ALA B 104 18.84 25.96 5.41
CA ALA B 104 17.73 26.65 4.77
C ALA B 104 16.46 25.81 4.79
N LEU B 105 16.60 24.50 4.56
CA LEU B 105 15.44 23.61 4.59
C LEU B 105 14.79 23.58 5.96
N VAL B 106 15.60 23.45 7.02
CA VAL B 106 15.04 23.39 8.36
C VAL B 106 14.45 24.74 8.76
N PHE B 107 15.02 25.85 8.28
CA PHE B 107 14.45 27.15 8.61
C PHE B 107 13.13 27.38 7.87
N LEU B 108 13.04 26.89 6.63
CA LEU B 108 11.75 26.92 5.93
C LEU B 108 10.72 26.07 6.65
N GLY B 109 11.14 24.92 7.17
CA GLY B 109 10.24 24.11 7.98
C GLY B 109 9.78 24.84 9.22
N ALA B 110 10.69 25.56 9.88
CA ALA B 110 10.30 26.35 11.05
C ALA B 110 9.35 27.48 10.67
N SER B 111 9.57 28.09 9.51
CA SER B 111 8.64 29.12 9.04
C SER B 111 7.25 28.53 8.82
N TYR B 112 7.17 27.35 8.21
CA TYR B 112 5.87 26.69 8.06
C TYR B 112 5.28 26.34 9.42
N LEU B 113 6.13 26.00 10.39
CA LEU B 113 5.64 25.72 11.74
C LEU B 113 5.02 26.96 12.36
N LEU B 114 5.63 28.12 12.15
CA LEU B 114 5.07 29.38 12.62
C LEU B 114 3.89 29.85 11.78
N ALA B 115 3.70 29.28 10.59
CA ALA B 115 2.64 29.73 9.69
C ALA B 115 1.24 29.69 10.29
N PRO B 116 0.81 28.61 10.97
CA PRO B 116 -0.61 28.57 11.39
C PRO B 116 -1.03 29.71 12.31
N VAL B 117 -0.28 29.94 13.39
CA VAL B 117 -0.67 30.97 14.35
C VAL B 117 -0.58 32.37 13.72
N GLY B 118 0.48 32.64 12.96
CA GLY B 118 0.62 33.94 12.33
C GLY B 118 -0.48 34.20 11.33
N GLY B 119 -0.79 33.20 10.49
CA GLY B 119 -1.85 33.36 9.53
C GLY B 119 -3.21 33.52 10.18
N TRP B 120 -3.45 32.79 11.27
CA TRP B 120 -4.71 32.92 11.99
C TRP B 120 -4.85 34.32 12.58
N LEU B 121 -3.78 34.85 13.16
CA LEU B 121 -3.80 36.22 13.65
C LEU B 121 -4.06 37.19 12.50
N ALA B 122 -3.43 36.96 11.35
CA ALA B 122 -3.60 37.84 10.20
C ALA B 122 -5.05 37.84 9.72
N ASP B 123 -5.67 36.68 9.62
CA ASP B 123 -7.03 36.60 9.09
C ASP B 123 -8.11 36.85 10.13
N VAL B 124 -7.76 36.92 11.42
CA VAL B 124 -8.74 37.24 12.43
C VAL B 124 -8.68 38.70 12.87
N TYR B 125 -7.49 39.25 13.14
CA TYR B 125 -7.37 40.60 13.69
C TYR B 125 -6.76 41.59 12.71
N LEU B 126 -6.55 41.20 11.45
CA LEU B 126 -5.97 42.12 10.48
C LEU B 126 -6.72 42.17 9.16
N GLY B 127 -7.56 41.19 8.83
CA GLY B 127 -8.20 41.15 7.53
C GLY B 127 -7.42 40.31 6.55
N ARG B 128 -7.41 40.70 5.28
CA ARG B 128 -6.65 39.98 4.27
C ARG B 128 -5.69 40.86 3.49
N TYR B 129 -6.07 42.10 3.17
CA TYR B 129 -5.17 43.01 2.48
C TYR B 129 -4.16 43.62 3.46
N ARG B 130 -4.63 44.08 4.61
CA ARG B 130 -3.72 44.55 5.64
C ARG B 130 -2.76 43.46 6.10
N ALA B 131 -3.17 42.20 6.00
CA ALA B 131 -2.29 41.10 6.40
C ALA B 131 -1.03 41.06 5.56
N VAL B 132 -1.19 41.03 4.23
CA VAL B 132 -0.03 41.03 3.35
C VAL B 132 0.72 42.35 3.44
N ALA B 133 -0.01 43.45 3.59
CA ALA B 133 0.65 44.75 3.71
C ALA B 133 1.59 44.77 4.92
N LEU B 134 1.10 44.33 6.06
CA LEU B 134 1.91 44.37 7.28
C LEU B 134 2.99 43.29 7.27
N SER B 135 2.75 42.14 6.64
CA SER B 135 3.82 41.16 6.53
C SER B 135 4.96 41.69 5.66
N LEU B 136 4.63 42.38 4.57
CA LEU B 136 5.68 42.99 3.76
C LEU B 136 6.35 44.15 4.47
N LEU B 137 5.61 44.88 5.32
CA LEU B 137 6.24 45.92 6.13
C LEU B 137 7.21 45.33 7.15
N LEU B 138 6.84 44.24 7.79
CA LEU B 138 7.76 43.54 8.69
C LEU B 138 8.97 43.01 7.92
N TYR B 139 8.77 42.57 6.68
CA TYR B 139 9.89 42.15 5.86
C TYR B 139 10.81 43.33 5.55
N LEU B 140 10.23 44.51 5.29
CA LEU B 140 11.05 45.71 5.14
C LEU B 140 11.82 46.00 6.42
N ALA B 141 11.19 45.80 7.58
CA ALA B 141 11.89 45.98 8.85
C ALA B 141 13.06 45.02 8.97
N ALA B 142 12.88 43.77 8.56
CA ALA B 142 13.98 42.82 8.58
C ALA B 142 15.10 43.24 7.63
N SER B 143 14.75 43.70 6.43
CA SER B 143 15.76 44.13 5.48
C SER B 143 16.43 45.43 5.89
N GLY B 144 15.80 46.21 6.77
CA GLY B 144 16.43 47.40 7.32
C GLY B 144 17.25 47.09 8.54
N LEU B 145 16.98 45.94 9.15
CA LEU B 145 17.89 45.37 10.15
C LEU B 145 19.11 44.76 9.48
N LEU B 146 18.96 44.35 8.21
CA LEU B 146 20.09 43.77 7.48
C LEU B 146 21.34 44.66 7.43
N PRO B 147 21.27 45.98 7.26
CA PRO B 147 22.51 46.78 7.32
C PRO B 147 23.25 46.66 8.65
N ALA B 148 22.55 46.39 9.76
CA ALA B 148 23.25 46.10 11.01
C ALA B 148 24.08 44.83 10.87
N THR B 149 23.56 43.82 10.16
CA THR B 149 24.38 42.67 9.78
C THR B 149 25.55 43.10 8.90
N ALA B 150 25.30 44.05 7.99
CA ALA B 150 26.35 44.53 7.10
C ALA B 150 27.38 45.39 7.84
N PHE B 151 26.93 46.48 8.44
CA PHE B 151 27.83 47.38 9.15
C PHE B 151 28.37 46.73 10.41
N PRO B 152 29.68 46.76 10.63
CA PRO B 152 30.24 46.25 11.89
C PRO B 152 29.72 47.00 13.11
N ASP B 153 29.37 48.28 12.96
CA ASP B 153 28.80 49.03 14.08
C ASP B 153 27.49 48.42 14.54
N GLY B 154 26.71 47.85 13.62
CA GLY B 154 25.47 47.19 14.01
C GLY B 154 25.73 46.01 14.94
N ARG B 155 26.69 45.16 14.58
CA ARG B 155 27.05 44.04 15.45
C ARG B 155 27.62 44.53 16.77
N SER B 156 28.45 45.57 16.73
CA SER B 156 29.06 46.10 17.96
C SER B 156 27.99 46.63 18.92
N SER B 157 26.95 47.29 18.39
CA SER B 157 25.85 47.75 19.22
C SER B 157 24.92 46.62 19.64
N PHE B 158 24.83 45.56 18.84
CA PHE B 158 23.92 44.46 19.18
C PHE B 158 24.50 43.60 20.29
N CYS B 159 25.66 42.99 20.05
CA CYS B 159 26.28 42.11 21.04
C CYS B 159 27.40 42.78 21.82
N GLY B 160 27.50 44.11 21.76
CA GLY B 160 28.26 44.83 22.75
C GLY B 160 27.51 45.07 24.03
N GLU B 161 26.24 44.68 24.07
CA GLU B 161 25.39 44.80 25.24
C GLU B 161 24.40 43.64 25.23
N MET B 162 23.35 43.75 26.03
CA MET B 162 22.32 42.71 26.09
C MET B 162 21.53 42.64 24.78
N CYS B 185 23.72 40.50 19.30
CA CYS B 185 24.11 39.66 18.18
C CYS B 185 23.18 38.44 18.09
N ALA B 186 23.11 37.67 19.18
CA ALA B 186 22.30 36.46 19.25
C ALA B 186 20.82 36.77 19.48
N PRO B 187 20.44 37.51 20.53
CA PRO B 187 19.00 37.74 20.74
C PRO B 187 18.35 38.57 19.63
N VAL B 188 19.06 39.57 19.12
CA VAL B 188 18.50 40.38 18.04
C VAL B 188 18.37 39.55 16.76
N LEU B 189 19.33 38.66 16.49
CA LEU B 189 19.20 37.77 15.35
C LEU B 189 18.03 36.81 15.52
N TYR B 190 17.83 36.30 16.75
CA TYR B 190 16.69 35.42 17.01
C TYR B 190 15.37 36.14 16.75
N ALA B 191 15.25 37.37 17.25
CA ALA B 191 14.03 38.14 17.02
C ALA B 191 13.83 38.44 15.54
N GLY B 192 14.90 38.79 14.83
CA GLY B 192 14.80 39.06 13.41
C GLY B 192 14.38 37.83 12.62
N LEU B 193 14.96 36.67 12.95
CA LEU B 193 14.58 35.44 12.27
C LEU B 193 13.13 35.08 12.54
N LEU B 194 12.68 35.26 13.79
CA LEU B 194 11.29 34.98 14.12
C LEU B 194 10.35 35.88 13.33
N LEU B 195 10.65 37.17 13.27
CA LEU B 195 9.80 38.10 12.52
C LEU B 195 9.83 37.79 11.03
N LEU B 196 11.01 37.43 10.50
CA LEU B 196 11.13 37.10 9.09
C LEU B 196 10.29 35.88 8.75
N GLY B 197 10.37 34.83 9.58
CA GLY B 197 9.56 33.65 9.35
C GLY B 197 8.08 33.93 9.43
N LEU B 198 7.67 34.70 10.45
CA LEU B 198 6.27 35.06 10.60
C LEU B 198 5.77 35.81 9.37
N ALA B 199 6.53 36.82 8.93
CA ALA B 199 6.10 37.62 7.78
C ALA B 199 6.05 36.78 6.51
N ALA B 200 7.06 35.94 6.27
CA ALA B 200 7.09 35.12 5.07
C ALA B 200 5.91 34.15 5.04
N SER B 201 5.67 33.47 6.15
CA SER B 201 4.56 32.52 6.21
C SER B 201 3.22 33.23 6.03
N SER B 202 3.04 34.37 6.70
CA SER B 202 1.77 35.10 6.60
C SER B 202 1.54 35.58 5.18
N VAL B 203 2.56 36.14 4.53
CA VAL B 203 2.37 36.66 3.19
C VAL B 203 2.12 35.52 2.21
N ARG B 204 2.78 34.37 2.40
CA ARG B 204 2.51 33.23 1.54
C ARG B 204 1.07 32.77 1.66
N SER B 205 0.61 32.56 2.91
CA SER B 205 -0.75 32.08 3.12
C SER B 205 -1.79 33.07 2.60
N ASN B 206 -1.58 34.36 2.87
CA ASN B 206 -2.58 35.35 2.45
C ASN B 206 -2.54 35.60 0.95
N LEU B 207 -1.38 35.50 0.31
CA LEU B 207 -1.33 35.55 -1.15
C LEU B 207 -2.08 34.37 -1.76
N THR B 208 -1.92 33.18 -1.18
CA THR B 208 -2.69 32.04 -1.65
C THR B 208 -4.19 32.29 -1.48
N SER B 209 -4.57 32.88 -0.35
CA SER B 209 -5.99 33.20 -0.12
C SER B 209 -6.51 34.20 -1.15
N PHE B 210 -5.74 35.25 -1.44
CA PHE B 210 -6.15 36.24 -2.43
C PHE B 210 -6.31 35.61 -3.81
N GLY B 211 -5.32 34.81 -4.23
CA GLY B 211 -5.39 34.18 -5.53
C GLY B 211 -6.58 33.24 -5.64
N ALA B 212 -6.80 32.43 -4.60
CA ALA B 212 -7.94 31.52 -4.60
C ALA B 212 -9.26 32.28 -4.66
N ASP B 213 -9.36 33.38 -3.90
CA ASP B 213 -10.59 34.16 -3.93
C ASP B 213 -10.84 34.72 -5.33
N GLN B 214 -9.82 35.32 -5.95
CA GLN B 214 -9.99 35.90 -7.26
C GLN B 214 -10.40 34.85 -8.29
N VAL B 215 -9.74 33.69 -8.28
CA VAL B 215 -10.02 32.72 -9.34
C VAL B 215 -11.28 31.92 -9.05
N MET B 216 -11.69 31.81 -7.78
CA MET B 216 -12.99 31.24 -7.47
C MET B 216 -14.11 32.18 -7.90
N ASP B 217 -13.89 33.49 -7.78
CA ASP B 217 -14.77 34.44 -8.42
C ASP B 217 -14.73 34.32 -9.93
N LEU B 218 -13.60 33.85 -10.49
CA LEU B 218 -13.51 33.64 -11.93
C LEU B 218 -14.19 32.34 -12.35
N GLY B 219 -13.67 31.21 -11.88
CA GLY B 219 -14.24 29.92 -12.25
C GLY B 219 -13.48 28.79 -11.60
N ARG B 220 -14.18 27.65 -11.49
CA ARG B 220 -13.63 26.47 -10.82
C ARG B 220 -12.51 25.84 -11.63
N ASP B 221 -12.74 25.63 -12.92
CA ASP B 221 -11.67 25.16 -13.80
C ASP B 221 -10.55 26.19 -13.86
N ALA B 222 -10.92 27.47 -13.93
CA ALA B 222 -9.92 28.52 -13.80
C ALA B 222 -9.21 28.45 -12.46
N THR B 223 -9.92 28.05 -11.40
CA THR B 223 -9.30 27.93 -10.10
C THR B 223 -8.23 26.83 -10.09
N ARG B 224 -8.54 25.68 -10.70
CA ARG B 224 -7.55 24.61 -10.79
C ARG B 224 -6.36 25.03 -11.65
N ARG B 225 -6.62 25.68 -12.78
CA ARG B 225 -5.54 26.14 -13.65
C ARG B 225 -4.66 27.14 -12.92
N PHE B 226 -5.27 28.06 -12.18
CA PHE B 226 -4.50 29.02 -11.41
C PHE B 226 -3.71 28.36 -10.30
N PHE B 227 -4.26 27.34 -9.65
CA PHE B 227 -3.50 26.65 -8.61
C PHE B 227 -2.27 25.97 -9.19
N ASN B 228 -2.42 25.32 -10.34
CA ASN B 228 -1.28 24.70 -11.01
C ASN B 228 -0.25 25.75 -11.39
N TRP B 229 -0.71 26.86 -11.98
CA TRP B 229 0.20 27.95 -12.33
C TRP B 229 0.86 28.56 -11.11
N PHE B 230 0.16 28.60 -9.97
CA PHE B 230 0.72 29.17 -8.76
C PHE B 230 1.82 28.30 -8.18
N TYR B 231 1.60 26.97 -8.16
CA TYR B 231 2.67 26.08 -7.73
C TYR B 231 3.86 26.15 -8.68
N TRP B 232 3.58 26.23 -9.99
CA TRP B 232 4.65 26.38 -10.97
C TRP B 232 5.43 27.68 -10.74
N SER B 233 4.72 28.75 -10.40
CA SER B 233 5.36 30.03 -10.11
C SER B 233 6.20 29.96 -8.86
N ILE B 234 5.73 29.24 -7.84
CA ILE B 234 6.54 29.04 -6.64
C ILE B 234 7.83 28.31 -6.98
N ASN B 235 7.74 27.26 -7.81
CA ASN B 235 8.94 26.54 -8.22
C ASN B 235 9.88 27.43 -9.02
N LEU B 236 9.33 28.23 -9.93
CA LEU B 236 10.15 29.15 -10.72
C LEU B 236 10.82 30.18 -9.81
N GLY B 237 10.10 30.67 -8.82
CA GLY B 237 10.70 31.60 -7.87
C GLY B 237 11.82 30.96 -7.09
N ALA B 238 11.65 29.69 -6.68
CA ALA B 238 12.72 29.01 -5.97
C ALA B 238 13.96 28.87 -6.84
N VAL B 239 13.77 28.49 -8.11
CA VAL B 239 14.91 28.31 -9.01
C VAL B 239 15.64 29.64 -9.23
N LEU B 240 14.88 30.69 -9.56
CA LEU B 240 15.49 31.99 -9.80
C LEU B 240 16.15 32.51 -8.53
N SER B 241 15.54 32.26 -7.38
CA SER B 241 16.12 32.64 -6.10
C SER B 241 17.48 32.00 -5.92
N LEU B 242 17.54 30.67 -6.06
CA LEU B 242 18.80 29.96 -5.87
C LEU B 242 19.88 30.52 -6.78
N LEU B 243 19.57 30.60 -8.08
CA LEU B 243 20.60 31.02 -9.04
C LEU B 243 21.04 32.46 -8.79
N VAL B 244 20.09 33.37 -8.56
CA VAL B 244 20.44 34.78 -8.46
C VAL B 244 21.19 35.06 -7.16
N VAL B 245 20.77 34.45 -6.04
CA VAL B 245 21.48 34.71 -4.79
C VAL B 245 22.87 34.09 -4.84
N ALA B 246 23.01 32.89 -5.40
CA ALA B 246 24.33 32.30 -5.53
C ALA B 246 25.25 33.20 -6.35
N PHE B 247 24.80 33.60 -7.54
CA PHE B 247 25.63 34.41 -8.42
C PHE B 247 26.01 35.73 -7.76
N ILE B 248 25.01 36.45 -7.24
CA ILE B 248 25.28 37.79 -6.72
C ILE B 248 26.16 37.72 -5.47
N GLN B 249 25.87 36.81 -4.55
CA GLN B 249 26.58 36.77 -3.28
C GLN B 249 27.92 36.04 -3.37
N GLN B 250 28.21 35.36 -4.49
CA GLN B 250 29.50 34.69 -4.62
C GLN B 250 30.41 35.29 -5.69
N ASN B 251 29.87 36.12 -6.59
CA ASN B 251 30.65 36.57 -7.73
C ASN B 251 31.24 37.97 -7.55
N ILE B 252 30.42 38.97 -7.29
CA ILE B 252 30.88 40.36 -7.39
C ILE B 252 31.29 40.93 -6.03
N SER B 253 30.34 41.07 -5.12
CA SER B 253 30.59 41.75 -3.85
C SER B 253 29.47 41.40 -2.88
N PHE B 254 29.43 42.13 -1.76
CA PHE B 254 28.43 41.92 -0.72
C PHE B 254 27.37 43.02 -0.66
N LEU B 255 27.73 44.27 -0.94
CA LEU B 255 26.75 45.35 -0.90
C LEU B 255 25.67 45.16 -1.96
N LEU B 256 26.06 44.71 -3.16
CA LEU B 256 25.07 44.36 -4.17
C LEU B 256 24.23 43.18 -3.70
N GLY B 257 24.85 42.21 -3.02
CA GLY B 257 24.10 41.10 -2.44
C GLY B 257 23.19 41.51 -1.31
N TYR B 258 23.41 42.68 -0.73
CA TYR B 258 22.49 43.22 0.27
C TYR B 258 21.38 44.03 -0.37
N SER B 259 21.67 44.76 -1.44
CA SER B 259 20.66 45.58 -2.11
C SER B 259 19.74 44.76 -3.01
N ILE B 260 20.17 43.59 -3.47
CA ILE B 260 19.31 42.76 -4.31
C ILE B 260 18.04 42.31 -3.57
N PRO B 261 18.12 41.76 -2.35
CA PRO B 261 16.87 41.37 -1.67
C PRO B 261 15.96 42.54 -1.38
N VAL B 262 16.51 43.65 -0.88
CA VAL B 262 15.68 44.82 -0.61
C VAL B 262 15.11 45.38 -1.91
N GLY B 263 15.89 45.30 -2.99
CA GLY B 263 15.39 45.78 -4.28
C GLY B 263 14.23 44.98 -4.80
N CYS B 264 14.34 43.64 -4.76
CA CYS B 264 13.24 42.82 -5.26
C CYS B 264 12.03 42.93 -4.33
N VAL B 265 12.25 43.05 -3.03
CA VAL B 265 11.14 43.25 -2.11
C VAL B 265 10.42 44.56 -2.42
N GLY B 266 11.18 45.63 -2.64
CA GLY B 266 10.56 46.91 -2.95
C GLY B 266 9.79 46.89 -4.26
N LEU B 267 10.36 46.26 -5.28
CA LEU B 267 9.66 46.24 -6.56
C LEU B 267 8.43 45.33 -6.50
N ALA B 268 8.49 44.24 -5.72
CA ALA B 268 7.31 43.42 -5.52
C ALA B 268 6.23 44.16 -4.73
N PHE B 269 6.65 44.93 -3.73
CA PHE B 269 5.70 45.76 -2.98
C PHE B 269 5.04 46.79 -3.90
N PHE B 270 5.82 47.40 -4.79
CA PHE B 270 5.25 48.37 -5.72
C PHE B 270 4.32 47.69 -6.72
N ILE B 271 4.67 46.48 -7.16
CA ILE B 271 3.76 45.72 -8.02
C ILE B 271 2.45 45.44 -7.30
N PHE B 272 2.54 45.04 -6.04
CA PHE B 272 1.34 44.77 -5.25
C PHE B 272 0.47 46.02 -5.11
N LEU B 273 1.08 47.15 -4.76
CA LEU B 273 0.32 48.38 -4.57
C LEU B 273 -0.27 48.88 -5.89
N PHE B 274 0.46 48.72 -7.00
CA PHE B 274 -0.05 49.12 -8.30
C PHE B 274 -1.22 48.27 -8.73
N ALA B 275 -1.34 47.05 -8.22
CA ALA B 275 -2.40 46.13 -8.57
C ALA B 275 -3.60 46.21 -7.62
N THR B 276 -3.59 47.18 -6.70
CA THR B 276 -4.71 47.31 -5.76
C THR B 276 -6.03 47.72 -6.41
N PRO B 277 -6.06 48.42 -7.56
CA PRO B 277 -7.39 48.66 -8.16
C PRO B 277 -8.04 47.40 -8.69
N VAL B 278 -7.29 46.52 -9.35
CA VAL B 278 -7.88 45.30 -9.89
C VAL B 278 -8.11 44.24 -8.81
N PHE B 279 -7.38 44.32 -7.69
CA PHE B 279 -7.59 43.39 -6.60
C PHE B 279 -8.91 43.67 -5.90
N ILE B 280 -9.60 42.60 -5.51
CA ILE B 280 -10.87 42.71 -4.80
C ILE B 280 -10.62 42.41 -3.33
N THR B 281 -10.82 43.41 -2.48
CA THR B 281 -10.62 43.25 -1.05
C THR B 281 -11.86 42.66 -0.39
N LYS B 282 -11.67 42.04 0.77
CA LYS B 282 -12.75 41.44 1.52
C LYS B 282 -12.70 41.89 2.96
N PRO B 283 -13.87 42.06 3.61
CA PRO B 283 -13.87 42.46 5.01
C PRO B 283 -13.34 41.35 5.89
N PRO B 284 -12.75 41.69 7.05
CA PRO B 284 -12.24 40.69 8.00
C PRO B 284 -13.34 39.85 8.63
N PRO B 331 -19.14 32.66 19.30
CA PRO B 331 -20.57 32.33 19.30
C PRO B 331 -20.85 30.91 18.81
N GLN B 332 -22.07 30.67 18.33
CA GLN B 332 -22.43 29.34 17.85
C GLN B 332 -21.73 28.99 16.54
N GLU B 333 -21.46 29.97 15.68
CA GLU B 333 -20.77 29.70 14.42
C GLU B 333 -19.32 29.29 14.65
N ASP B 334 -18.64 29.90 15.63
CA ASP B 334 -17.28 29.48 15.96
C ASP B 334 -17.26 28.05 16.47
N ILE B 335 -18.23 27.67 17.29
CA ILE B 335 -18.32 26.28 17.74
C ILE B 335 -18.61 25.34 16.58
N ALA B 336 -19.49 25.76 15.66
CA ALA B 336 -19.77 24.95 14.48
C ALA B 336 -18.52 24.77 13.63
N ASN B 337 -17.65 25.78 13.59
CA ASN B 337 -16.38 25.62 12.90
C ASN B 337 -15.51 24.53 13.52
N PHE B 338 -15.67 24.26 14.81
CA PHE B 338 -14.92 23.16 15.42
C PHE B 338 -15.40 21.82 14.91
N GLN B 339 -16.69 21.69 14.60
CA GLN B 339 -17.18 20.46 13.99
C GLN B 339 -16.57 20.25 12.61
N VAL B 340 -16.34 21.33 11.86
CA VAL B 340 -15.63 21.21 10.60
C VAL B 340 -14.16 20.86 10.83
N LEU B 341 -13.53 21.48 11.83
CA LEU B 341 -12.13 21.23 12.10
C LEU B 341 -11.87 19.79 12.50
N VAL B 342 -12.72 19.22 13.36
CA VAL B 342 -12.50 17.85 13.82
C VAL B 342 -12.69 16.81 12.73
N LYS B 343 -13.36 17.16 11.63
CA LYS B 343 -13.53 16.24 10.51
C LYS B 343 -12.58 16.51 9.36
N ILE B 344 -12.03 17.72 9.25
CA ILE B 344 -11.06 18.01 8.20
C ILE B 344 -9.62 17.84 8.67
N LEU B 345 -9.37 17.85 9.98
CA LEU B 345 -8.02 17.58 10.48
C LEU B 345 -7.55 16.16 10.16
N PRO B 346 -8.32 15.09 10.38
CA PRO B 346 -7.78 13.75 10.11
C PRO B 346 -7.31 13.55 8.68
N VAL B 347 -7.94 14.19 7.70
CA VAL B 347 -7.49 14.08 6.32
C VAL B 347 -6.13 14.75 6.13
N MET B 348 -5.75 15.66 7.03
CA MET B 348 -4.54 16.44 6.89
C MET B 348 -3.40 15.96 7.80
N VAL B 349 -3.72 15.40 8.97
CA VAL B 349 -2.70 14.83 9.84
C VAL B 349 -2.11 13.59 9.19
N THR B 350 -2.94 12.79 8.51
CA THR B 350 -2.42 11.66 7.76
C THR B 350 -1.53 12.07 6.60
N LEU B 351 -1.58 13.35 6.21
CA LEU B 351 -0.64 13.87 5.22
C LEU B 351 0.75 14.09 5.79
N VAL B 352 0.88 14.17 7.12
CA VAL B 352 2.19 14.36 7.73
C VAL B 352 3.13 13.19 7.41
N PRO B 353 2.72 11.93 7.54
CA PRO B 353 3.65 10.85 7.11
C PRO B 353 4.00 10.90 5.64
N TYR B 354 3.06 11.29 4.77
CA TYR B 354 3.37 11.38 3.35
C TYR B 354 4.40 12.47 3.08
N TRP B 355 4.19 13.67 3.64
CA TRP B 355 5.16 14.73 3.48
C TRP B 355 6.50 14.37 4.10
N MET B 356 6.47 13.67 5.24
CA MET B 356 7.70 13.15 5.82
C MET B 356 8.45 12.29 4.82
N VAL B 357 7.80 11.27 4.26
CA VAL B 357 8.45 10.37 3.33
C VAL B 357 8.96 11.13 2.12
N TYR B 358 8.16 12.05 1.58
CA TYR B 358 8.57 12.78 0.39
C TYR B 358 9.76 13.68 0.68
N PHE B 359 9.84 14.27 1.87
CA PHE B 359 10.93 15.20 2.15
C PHE B 359 12.26 14.50 2.33
N GLN B 360 12.28 13.32 2.99
CA GLN B 360 13.53 12.57 3.03
C GLN B 360 13.86 11.97 1.67
N MET B 361 12.85 11.64 0.86
CA MET B 361 13.11 11.23 -0.52
C MET B 361 13.76 12.34 -1.32
N GLN B 362 13.36 13.59 -1.08
CA GLN B 362 13.93 14.73 -1.79
C GLN B 362 15.46 14.77 -1.69
N SER B 363 16.03 14.36 -0.56
CA SER B 363 17.48 14.28 -0.40
C SER B 363 18.05 12.89 -0.65
N THR B 364 17.25 11.84 -0.47
CA THR B 364 17.72 10.49 -0.74
C THR B 364 17.92 10.26 -2.23
N TYR B 365 17.08 10.88 -3.06
CA TYR B 365 17.31 10.83 -4.51
C TYR B 365 18.63 11.51 -4.88
N VAL B 366 18.92 12.64 -4.25
CA VAL B 366 20.19 13.32 -4.48
C VAL B 366 21.35 12.43 -4.04
N LEU B 367 21.21 11.78 -2.88
CA LEU B 367 22.24 10.87 -2.40
C LEU B 367 22.45 9.70 -3.35
N GLN B 368 21.35 9.13 -3.87
CA GLN B 368 21.46 8.03 -4.82
C GLN B 368 22.15 8.47 -6.09
N GLY B 369 21.80 9.66 -6.61
CA GLY B 369 22.51 10.20 -7.75
C GLY B 369 23.96 10.50 -7.49
N LEU B 370 24.30 10.85 -6.25
CA LEU B 370 25.69 11.09 -5.89
C LEU B 370 26.49 9.79 -5.88
N HIS B 371 25.87 8.68 -5.50
CA HIS B 371 26.52 7.38 -5.52
C HIS B 371 26.74 6.86 -6.94
N LEU B 372 26.13 7.49 -7.94
CA LEU B 372 26.28 7.08 -9.33
C LEU B 372 27.38 7.88 -10.01
N HIS B 373 27.83 7.37 -11.15
CA HIS B 373 28.84 8.06 -11.95
C HIS B 373 28.14 9.06 -12.85
N ILE B 374 28.37 10.35 -12.60
CA ILE B 374 27.72 11.40 -13.38
C ILE B 374 28.27 11.38 -14.81
N PRO B 375 27.42 11.47 -15.83
CA PRO B 375 27.92 11.50 -17.20
C PRO B 375 28.40 12.89 -17.60
N ASN B 376 29.25 12.92 -18.62
CA ASN B 376 29.80 14.16 -19.16
C ASN B 376 29.18 14.40 -20.53
N ILE B 377 28.13 15.21 -20.57
CA ILE B 377 27.44 15.54 -21.82
C ILE B 377 27.23 17.04 -21.88
N PHE B 378 27.60 17.65 -23.01
CA PHE B 378 27.44 19.08 -23.24
C PHE B 378 28.12 19.90 -22.13
N PRO B 379 29.30 19.46 -21.73
CA PRO B 379 30.09 20.13 -20.69
C PRO B 379 29.30 20.30 -19.39
N ILE B 398 27.22 24.71 -7.66
CA ILE B 398 27.46 23.65 -6.68
C ILE B 398 26.75 22.37 -7.13
N PRO B 399 27.53 21.30 -7.34
CA PRO B 399 26.93 20.07 -7.89
C PRO B 399 25.99 19.36 -6.92
N GLU B 400 26.37 19.24 -5.65
CA GLU B 400 25.55 18.49 -4.70
C GLU B 400 24.19 19.15 -4.46
N ALA B 401 24.09 20.46 -4.65
CA ALA B 401 22.82 21.17 -4.51
C ALA B 401 22.09 21.32 -5.84
N TRP B 402 22.67 20.84 -6.94
CA TRP B 402 22.03 21.02 -8.25
C TRP B 402 20.84 20.07 -8.42
N LEU B 403 20.89 18.90 -7.78
CA LEU B 403 19.75 17.98 -7.89
C LEU B 403 18.52 18.51 -7.17
N LEU B 404 18.70 19.34 -6.13
CA LEU B 404 17.56 20.00 -5.51
C LEU B 404 16.83 20.88 -6.51
N LEU B 405 17.59 21.65 -7.30
CA LEU B 405 16.99 22.46 -8.36
C LEU B 405 16.48 21.62 -9.52
N ALA B 406 17.08 20.45 -9.76
CA ALA B 406 16.54 19.54 -10.76
C ALA B 406 15.16 19.03 -10.37
N ASN B 407 14.96 18.70 -9.09
CA ASN B 407 13.64 18.32 -8.60
C ASN B 407 12.63 19.45 -8.78
N VAL B 408 13.09 20.69 -8.85
CA VAL B 408 12.20 21.82 -9.04
C VAL B 408 11.92 22.05 -10.53
N VAL B 409 12.94 21.89 -11.38
CA VAL B 409 12.73 22.07 -12.82
C VAL B 409 11.85 20.95 -13.37
N VAL B 410 11.88 19.77 -12.75
CA VAL B 410 10.98 18.69 -13.16
C VAL B 410 9.52 19.13 -13.00
N VAL B 411 9.19 19.72 -11.84
CA VAL B 411 7.85 20.29 -11.67
C VAL B 411 7.64 21.47 -12.59
N LEU B 412 8.68 22.28 -12.82
CA LEU B 412 8.58 23.40 -13.74
C LEU B 412 8.15 22.98 -15.14
N ILE B 413 8.53 21.79 -15.58
CA ILE B 413 8.15 21.31 -16.90
C ILE B 413 6.89 20.44 -16.89
N LEU B 414 6.56 19.77 -15.77
CA LEU B 414 5.35 18.95 -15.77
C LEU B 414 4.08 19.79 -15.72
N VAL B 415 4.05 20.83 -14.89
CA VAL B 415 2.85 21.63 -14.69
C VAL B 415 2.32 22.22 -15.99
N PRO B 416 3.16 22.75 -16.89
CA PRO B 416 2.62 23.19 -18.19
C PRO B 416 1.97 22.05 -18.97
N LEU B 417 2.66 20.92 -19.13
CA LEU B 417 2.10 19.79 -19.84
C LEU B 417 0.84 19.28 -19.15
N LYS B 418 0.88 19.18 -17.82
CA LYS B 418 -0.30 18.73 -17.08
C LYS B 418 -1.48 19.66 -17.34
N ASP B 419 -1.28 20.96 -17.19
CA ASP B 419 -2.36 21.93 -17.38
C ASP B 419 -2.92 21.88 -18.80
N ARG B 420 -2.05 21.77 -19.81
CA ARG B 420 -2.51 21.83 -21.19
C ARG B 420 -3.10 20.51 -21.70
N LEU B 421 -2.75 19.38 -21.09
CA LEU B 421 -3.19 18.09 -21.62
C LEU B 421 -4.10 17.32 -20.67
N ILE B 422 -3.70 17.12 -19.41
CA ILE B 422 -4.41 16.20 -18.54
C ILE B 422 -5.82 16.70 -18.25
N ASP B 423 -5.97 17.99 -17.94
CA ASP B 423 -7.28 18.51 -17.59
C ASP B 423 -8.32 18.37 -18.69
N PRO B 424 -8.02 18.73 -19.96
CA PRO B 424 -9.03 18.47 -21.00
C PRO B 424 -9.40 17.01 -21.15
N LEU B 425 -8.42 16.11 -21.09
CA LEU B 425 -8.76 14.69 -21.17
C LEU B 425 -9.45 14.21 -19.89
N LEU B 426 -9.05 14.74 -18.74
CA LEU B 426 -9.71 14.38 -17.49
C LEU B 426 -11.14 14.90 -17.42
N LEU B 427 -11.50 15.83 -18.30
CA LEU B 427 -12.87 16.31 -18.37
C LEU B 427 -13.68 15.64 -19.47
N ARG B 428 -13.05 15.28 -20.59
CA ARG B 428 -13.80 14.60 -21.64
C ARG B 428 -13.99 13.12 -21.35
N CYS B 429 -13.06 12.50 -20.62
CA CYS B 429 -13.17 11.09 -20.29
C CYS B 429 -13.99 10.83 -19.03
N LYS B 430 -14.32 11.87 -18.26
CA LYS B 430 -15.21 11.78 -17.11
C LYS B 430 -14.68 10.78 -16.06
N LEU B 431 -13.46 11.03 -15.60
CA LEU B 431 -12.91 10.24 -14.50
C LEU B 431 -13.44 10.68 -13.15
N LEU B 432 -14.00 11.88 -13.06
CA LEU B 432 -14.58 12.43 -11.83
C LEU B 432 -13.65 12.34 -10.61
N PRO B 433 -12.44 12.91 -10.69
CA PRO B 433 -11.58 12.98 -9.49
C PRO B 433 -11.82 14.27 -8.69
N SER B 434 -12.92 14.28 -7.93
CA SER B 434 -13.40 15.50 -7.27
C SER B 434 -12.53 15.88 -6.07
N ALA B 435 -11.30 16.28 -6.37
CA ALA B 435 -10.35 16.91 -5.45
C ALA B 435 -9.87 16.00 -4.33
N LEU B 436 -10.36 14.77 -4.24
CA LEU B 436 -9.89 13.80 -3.25
C LEU B 436 -9.31 12.55 -3.87
N GLN B 437 -9.97 12.00 -4.89
CA GLN B 437 -9.37 10.91 -5.64
C GLN B 437 -8.10 11.37 -6.36
N LYS B 438 -8.02 12.65 -6.70
CA LYS B 438 -6.78 13.19 -7.25
C LYS B 438 -5.65 13.10 -6.22
N MET B 439 -5.94 13.44 -4.96
CA MET B 439 -4.93 13.33 -3.91
C MET B 439 -4.55 11.87 -3.65
N ALA B 440 -5.53 10.97 -3.63
CA ALA B 440 -5.22 9.55 -3.47
C ALA B 440 -4.38 9.04 -4.62
N LEU B 441 -4.68 9.45 -5.84
CA LEU B 441 -3.86 9.07 -7.00
C LEU B 441 -2.47 9.67 -6.89
N GLY B 442 -2.34 10.88 -6.36
CA GLY B 442 -1.02 11.46 -6.17
C GLY B 442 -0.18 10.65 -5.19
N MET B 443 -0.78 10.23 -4.08
CA MET B 443 -0.02 9.45 -3.12
C MET B 443 0.25 8.03 -3.65
N PHE B 444 -0.66 7.51 -4.47
CA PHE B 444 -0.39 6.23 -5.14
C PHE B 444 0.78 6.36 -6.11
N PHE B 445 0.86 7.49 -6.82
CA PHE B 445 2.01 7.75 -7.68
C PHE B 445 3.28 7.90 -6.86
N GLY B 446 3.19 8.51 -5.67
CA GLY B 446 4.34 8.54 -4.79
C GLY B 446 4.80 7.16 -4.36
N PHE B 447 3.84 6.29 -4.03
CA PHE B 447 4.18 4.91 -3.71
C PHE B 447 4.84 4.21 -4.91
N THR B 448 4.31 4.44 -6.11
CA THR B 448 4.91 3.86 -7.30
C THR B 448 6.32 4.40 -7.54
N SER B 449 6.54 5.68 -7.24
CA SER B 449 7.89 6.24 -7.33
C SER B 449 8.84 5.58 -6.35
N VAL B 450 8.37 5.33 -5.12
CA VAL B 450 9.20 4.59 -4.17
C VAL B 450 9.46 3.18 -4.69
N ILE B 451 8.49 2.57 -5.35
CA ILE B 451 8.68 1.24 -5.93
C ILE B 451 9.78 1.27 -6.99
N VAL B 452 9.74 2.27 -7.86
CA VAL B 452 10.77 2.40 -8.90
C VAL B 452 12.12 2.67 -8.26
N ALA B 453 12.17 3.49 -7.21
CA ALA B 453 13.43 3.75 -6.52
C ALA B 453 14.00 2.49 -5.90
N GLY B 454 13.14 1.66 -5.30
CA GLY B 454 13.61 0.40 -4.74
C GLY B 454 14.08 -0.56 -5.81
N VAL B 455 13.38 -0.59 -6.95
CA VAL B 455 13.82 -1.43 -8.07
C VAL B 455 15.20 -0.99 -8.54
N LEU B 456 15.40 0.33 -8.67
CA LEU B 456 16.70 0.84 -9.07
C LEU B 456 17.77 0.50 -8.04
N GLU B 457 17.44 0.60 -6.74
CA GLU B 457 18.39 0.27 -5.70
C GLU B 457 18.81 -1.20 -5.77
N MET B 458 17.84 -2.09 -5.95
CA MET B 458 18.18 -3.51 -6.10
C MET B 458 18.97 -3.78 -7.36
N GLU B 459 18.67 -3.06 -8.45
CA GLU B 459 19.49 -3.17 -9.65
C GLU B 459 20.92 -2.74 -9.40
N ARG B 460 21.11 -1.65 -8.64
CA ARG B 460 22.45 -1.19 -8.30
C ARG B 460 23.20 -2.23 -7.48
N LEU B 461 22.54 -2.81 -6.47
CA LEU B 461 23.20 -3.85 -5.67
C LEU B 461 23.49 -5.10 -6.48
N HIS B 462 22.63 -5.43 -7.45
CA HIS B 462 22.85 -6.62 -8.27
C HIS B 462 24.09 -6.47 -9.14
N TYR B 463 24.34 -5.28 -9.67
CA TYR B 463 25.55 -5.06 -10.46
C TYR B 463 26.80 -5.20 -9.60
N ILE B 464 26.75 -4.69 -8.37
CA ILE B 464 27.87 -4.86 -7.45
C ILE B 464 28.09 -6.34 -7.14
N HIS B 465 27.00 -7.09 -6.94
CA HIS B 465 27.12 -8.52 -6.72
C HIS B 465 27.70 -9.23 -7.94
N HIS B 466 27.42 -8.70 -9.14
CA HIS B 466 27.98 -9.29 -10.35
C HIS B 466 29.50 -9.22 -10.37
N ASN B 467 30.06 -8.10 -9.92
CA ASN B 467 31.51 -7.88 -9.88
C ASN B 467 32.12 -8.02 -11.27
N ALA B 481 31.25 2.70 -8.71
CA ALA B 481 31.86 1.66 -9.54
C ALA B 481 31.34 1.73 -10.97
N ALA B 482 30.10 2.19 -11.11
CA ALA B 482 29.46 2.29 -12.42
C ALA B 482 28.33 3.31 -12.32
N PRO B 483 27.90 3.87 -13.45
CA PRO B 483 26.73 4.77 -13.41
C PRO B 483 25.47 4.09 -12.90
N LEU B 484 25.36 2.77 -13.08
CA LEU B 484 24.20 2.00 -12.59
C LEU B 484 22.90 2.58 -13.13
N SER B 485 22.87 2.85 -14.43
CA SER B 485 21.70 3.41 -15.12
C SER B 485 21.28 4.73 -14.49
N ILE B 486 22.20 5.70 -14.52
CA ILE B 486 21.90 7.04 -14.02
C ILE B 486 20.85 7.70 -14.91
N TRP B 487 20.79 7.33 -16.18
CA TRP B 487 19.74 7.81 -17.07
C TRP B 487 18.39 7.15 -16.79
N TRP B 488 18.34 6.20 -15.88
CA TRP B 488 17.08 5.61 -15.44
C TRP B 488 16.55 6.24 -14.15
N GLN B 489 17.08 7.41 -13.77
CA GLN B 489 16.56 8.14 -12.62
C GLN B 489 15.56 9.22 -13.02
N ILE B 490 15.59 9.67 -14.27
CA ILE B 490 14.59 10.60 -14.79
C ILE B 490 13.18 10.02 -14.72
N PRO B 491 12.95 8.72 -15.01
CA PRO B 491 11.59 8.20 -14.82
C PRO B 491 11.10 8.30 -13.39
N GLN B 492 11.93 7.97 -12.40
CA GLN B 492 11.49 8.06 -11.01
C GLN B 492 11.37 9.51 -10.56
N TYR B 493 12.22 10.40 -11.08
CA TYR B 493 12.07 11.81 -10.77
C TYR B 493 10.78 12.36 -11.35
N LEU B 494 10.43 11.96 -12.57
CA LEU B 494 9.16 12.36 -13.15
C LEU B 494 7.99 11.80 -12.37
N LEU B 495 8.11 10.57 -11.87
CA LEU B 495 7.03 9.98 -11.08
C LEU B 495 6.86 10.72 -9.75
N ILE B 496 7.95 11.06 -9.08
CA ILE B 496 7.83 11.83 -7.84
C ILE B 496 7.30 13.24 -8.11
N GLY B 497 7.66 13.84 -9.24
CA GLY B 497 7.07 15.12 -9.59
C GLY B 497 5.58 15.03 -9.84
N ILE B 498 5.14 13.93 -10.49
CA ILE B 498 3.72 13.70 -10.71
C ILE B 498 3.00 13.55 -9.37
N SER B 499 3.60 12.80 -8.44
CA SER B 499 2.99 12.68 -7.11
C SER B 499 2.91 14.03 -6.42
N GLU B 500 3.98 14.84 -6.52
CA GLU B 500 3.98 16.15 -5.89
C GLU B 500 2.89 17.06 -6.46
N ILE B 501 2.77 17.09 -7.80
CA ILE B 501 1.77 17.95 -8.42
C ILE B 501 0.35 17.45 -8.17
N PHE B 502 0.14 16.14 -8.05
CA PHE B 502 -1.18 15.59 -7.77
C PHE B 502 -1.51 15.58 -6.29
N ALA B 503 -0.55 15.88 -5.41
CA ALA B 503 -0.83 15.96 -3.99
C ALA B 503 -0.85 17.39 -3.44
N SER B 504 -0.16 18.33 -4.09
CA SER B 504 -0.12 19.69 -3.57
C SER B 504 -1.27 20.52 -4.12
N ILE B 505 -1.37 20.64 -5.45
CA ILE B 505 -2.44 21.43 -6.05
C ILE B 505 -3.82 20.88 -5.72
N PRO B 506 -4.12 19.59 -5.89
CA PRO B 506 -5.39 19.08 -5.38
C PRO B 506 -5.53 19.23 -3.88
N GLY B 507 -4.42 19.19 -3.14
CA GLY B 507 -4.49 19.45 -1.72
C GLY B 507 -4.95 20.85 -1.40
N LEU B 508 -4.42 21.85 -2.12
CA LEU B 508 -4.87 23.22 -1.93
C LEU B 508 -6.34 23.36 -2.34
N GLU B 509 -6.72 22.73 -3.45
CA GLU B 509 -8.09 22.82 -3.91
C GLU B 509 -9.06 22.20 -2.90
N PHE B 510 -8.68 21.09 -2.27
CA PHE B 510 -9.52 20.48 -1.25
C PHE B 510 -9.54 21.33 0.02
N ALA B 511 -8.40 21.90 0.40
CA ALA B 511 -8.37 22.79 1.55
C ALA B 511 -9.27 24.00 1.34
N TYR B 512 -9.45 24.41 0.08
CA TYR B 512 -10.43 25.45 -0.24
C TYR B 512 -11.83 24.89 -0.46
N SER B 513 -12.01 23.57 -0.48
CA SER B 513 -13.35 23.01 -0.50
C SER B 513 -14.01 23.08 0.88
N GLU B 514 -13.20 22.96 1.93
CA GLU B 514 -13.63 23.12 3.31
C GLU B 514 -13.20 24.47 3.87
N ALA B 515 -13.32 25.51 3.05
CA ALA B 515 -12.84 26.88 3.26
C ALA B 515 -13.58 27.77 4.25
N PRO B 516 -14.88 27.50 4.63
CA PRO B 516 -15.85 28.59 4.84
C PRO B 516 -15.29 29.88 5.44
N ARG B 517 -15.66 30.99 4.81
CA ARG B 517 -14.88 32.22 4.90
C ARG B 517 -14.97 32.89 6.26
N SER B 518 -14.38 32.25 7.27
CA SER B 518 -14.16 32.87 8.57
C SER B 518 -12.69 32.71 8.95
N MET B 519 -12.11 31.58 8.57
CA MET B 519 -10.69 31.29 8.82
C MET B 519 -10.08 30.62 7.59
N GLN B 520 -10.38 31.19 6.41
CA GLN B 520 -9.88 30.60 5.17
C GLN B 520 -8.36 30.57 5.12
N GLY B 521 -7.69 31.62 5.63
CA GLY B 521 -6.25 31.61 5.70
C GLY B 521 -5.68 30.71 6.78
N ALA B 522 -6.46 30.44 7.83
CA ALA B 522 -5.98 29.55 8.88
C ALA B 522 -5.79 28.13 8.37
N ILE B 523 -6.72 27.64 7.55
CA ILE B 523 -6.58 26.31 7.00
C ILE B 523 -5.39 26.23 6.05
N MET B 524 -5.10 27.29 5.29
CA MET B 524 -3.90 27.31 4.47
C MET B 524 -2.64 27.30 5.32
N GLY B 525 -2.63 28.09 6.40
CA GLY B 525 -1.49 28.10 7.30
C GLY B 525 -1.23 26.74 7.91
N ILE B 526 -2.29 26.06 8.35
CA ILE B 526 -2.11 24.72 8.91
C ILE B 526 -1.74 23.70 7.84
N PHE B 527 -2.22 23.86 6.60
CA PHE B 527 -1.80 22.95 5.54
C PHE B 527 -0.31 23.09 5.25
N PHE B 528 0.19 24.32 5.20
CA PHE B 528 1.63 24.50 5.06
C PHE B 528 2.39 24.06 6.30
N CYS B 529 1.78 24.18 7.48
CA CYS B 529 2.37 23.63 8.69
C CYS B 529 2.51 22.12 8.61
N LEU B 530 1.59 21.45 7.90
CA LEU B 530 1.76 20.02 7.68
C LEU B 530 3.07 19.72 6.97
N SER B 531 3.35 20.43 5.87
CA SER B 531 4.58 20.22 5.14
C SER B 531 5.79 20.60 6.00
N GLY B 532 5.69 21.66 6.77
CA GLY B 532 6.78 22.03 7.65
C GLY B 532 7.08 20.98 8.70
N VAL B 533 6.03 20.46 9.34
CA VAL B 533 6.19 19.40 10.34
C VAL B 533 6.79 18.16 9.69
N GLY B 534 6.30 17.80 8.50
CA GLY B 534 6.86 16.67 7.79
C GLY B 534 8.33 16.82 7.47
N SER B 535 8.73 18.00 6.98
CA SER B 535 10.14 18.23 6.66
C SER B 535 11.00 18.18 7.92
N LEU B 536 10.53 18.81 9.01
CA LEU B 536 11.30 18.82 10.25
C LEU B 536 11.44 17.41 10.82
N LEU B 537 10.35 16.64 10.81
CA LEU B 537 10.40 15.28 11.33
C LEU B 537 11.26 14.38 10.45
N GLY B 538 11.21 14.56 9.12
CA GLY B 538 12.08 13.81 8.25
C GLY B 538 13.55 14.14 8.48
N SER B 539 13.86 15.42 8.68
CA SER B 539 15.24 15.79 9.00
C SER B 539 15.69 15.21 10.33
N SER B 540 14.81 15.22 11.33
CA SER B 540 15.14 14.63 12.62
C SER B 540 15.37 13.13 12.50
N LEU B 541 14.53 12.44 11.71
CA LEU B 541 14.70 11.01 11.50
C LEU B 541 16.01 10.71 10.76
N VAL B 542 16.35 11.54 9.77
CA VAL B 542 17.60 11.38 9.05
C VAL B 542 18.78 11.56 10.00
N ALA B 543 18.74 12.59 10.85
CA ALA B 543 19.80 12.80 11.83
C ALA B 543 19.89 11.63 12.81
N LEU B 544 18.75 11.10 13.25
CA LEU B 544 18.75 9.98 14.19
C LEU B 544 19.34 8.73 13.55
N LEU B 545 19.06 8.49 12.28
CA LEU B 545 19.60 7.33 11.58
C LEU B 545 21.01 7.56 11.05
N SER B 546 21.51 8.79 11.10
CA SER B 546 22.84 9.11 10.59
C SER B 546 23.94 8.85 11.62
N LEU B 547 23.96 9.60 12.71
CA LEU B 547 25.08 9.53 13.63
C LEU B 547 25.06 8.23 14.43
N PRO B 548 23.95 7.88 15.14
CA PRO B 548 23.95 6.60 15.86
C PRO B 548 23.22 5.49 15.12
N GLY B 549 22.41 5.83 14.12
CA GLY B 549 21.56 4.86 13.46
C GLY B 549 22.29 4.04 12.42
N GLY B 550 22.90 4.71 11.44
CA GLY B 550 23.60 4.06 10.36
C GLY B 550 22.81 3.99 9.07
N TRP B 551 21.49 3.88 9.17
CA TRP B 551 20.65 3.80 7.98
C TRP B 551 20.79 5.04 7.11
N LEU B 552 20.92 6.20 7.73
CA LEU B 552 21.12 7.46 7.01
C LEU B 552 22.58 7.91 7.05
N HIS B 553 23.48 7.07 7.56
CA HIS B 553 24.91 7.35 7.53
C HIS B 553 25.55 6.94 6.22
N CYS B 554 24.74 6.61 5.22
CA CYS B 554 25.27 6.22 3.91
C CYS B 554 26.18 7.27 3.27
N PRO B 555 25.91 8.58 3.34
CA PRO B 555 26.79 9.54 2.66
C PRO B 555 28.26 9.45 3.04
N LYS B 556 28.56 9.05 4.27
CA LYS B 556 29.96 8.92 4.67
C LYS B 556 30.63 7.80 3.86
N ASP B 557 31.86 8.06 3.43
CA ASP B 557 32.62 7.16 2.57
C ASP B 557 31.84 6.82 1.30
N PHE B 558 31.05 7.78 0.82
CA PHE B 558 30.17 7.68 -0.35
C PHE B 558 29.48 6.32 -0.44
N GLY B 559 29.02 5.80 0.69
CA GLY B 559 28.31 4.53 0.72
C GLY B 559 29.11 3.36 0.21
N ASN B 560 30.39 3.28 0.59
CA ASN B 560 31.26 2.18 0.18
C ASN B 560 31.27 1.05 1.22
N ILE B 561 31.66 1.35 2.45
CA ILE B 561 31.66 0.35 3.52
C ILE B 561 31.07 0.99 4.78
N ASN B 562 29.83 0.67 5.07
CA ASN B 562 29.12 1.19 6.24
C ASN B 562 27.85 0.38 6.42
N ASN B 563 27.08 0.74 7.45
CA ASN B 563 25.76 0.13 7.68
C ASN B 563 24.69 0.96 6.97
N CYS B 564 24.91 1.17 5.67
CA CYS B 564 24.04 2.03 4.88
C CYS B 564 22.61 1.51 4.87
N ARG B 565 22.44 0.22 4.52
CA ARG B 565 21.12 -0.41 4.48
C ARG B 565 20.14 0.38 3.63
N MET B 566 20.60 0.83 2.45
CA MET B 566 19.73 1.59 1.57
C MET B 566 18.54 0.77 1.10
N ASP B 567 18.75 -0.52 0.83
CA ASP B 567 17.63 -1.39 0.46
C ASP B 567 16.60 -1.47 1.58
N LEU B 568 17.06 -1.69 2.82
CA LEU B 568 16.15 -1.73 3.95
C LEU B 568 15.43 -0.41 4.15
N TYR B 569 16.14 0.71 4.04
CA TYR B 569 15.51 2.01 4.21
C TYR B 569 14.45 2.24 3.14
N PHE B 570 14.76 1.94 1.89
CA PHE B 570 13.79 2.15 0.83
C PHE B 570 12.58 1.22 0.97
N PHE B 571 12.80 -0.01 1.41
CA PHE B 571 11.67 -0.93 1.57
C PHE B 571 10.78 -0.51 2.74
N LEU B 572 11.38 -0.10 3.86
CA LEU B 572 10.58 0.41 4.97
C LEU B 572 9.87 1.69 4.60
N LEU B 573 10.52 2.54 3.79
CA LEU B 573 9.87 3.76 3.31
C LEU B 573 8.68 3.43 2.41
N ALA B 574 8.82 2.42 1.55
CA ALA B 574 7.70 1.98 0.74
C ALA B 574 6.56 1.46 1.61
N GLY B 575 6.89 0.70 2.66
CA GLY B 575 5.87 0.25 3.58
C GLY B 575 5.15 1.39 4.27
N ILE B 576 5.91 2.39 4.73
CA ILE B 576 5.31 3.55 5.38
C ILE B 576 4.42 4.31 4.40
N GLN B 577 4.87 4.47 3.16
CA GLN B 577 4.07 5.16 2.16
C GLN B 577 2.79 4.40 1.85
N ALA B 578 2.87 3.07 1.77
CA ALA B 578 1.66 2.28 1.54
C ALA B 578 0.70 2.38 2.71
N VAL B 579 1.21 2.36 3.93
CA VAL B 579 0.36 2.52 5.10
C VAL B 579 -0.29 3.91 5.08
N THR B 580 0.47 4.93 4.70
CA THR B 580 -0.07 6.28 4.60
C THR B 580 -1.16 6.36 3.55
N ALA B 581 -0.96 5.69 2.41
CA ALA B 581 -1.97 5.68 1.36
C ALA B 581 -3.24 4.98 1.84
N LEU B 582 -3.09 3.85 2.53
CA LEU B 582 -4.25 3.14 3.06
C LEU B 582 -5.01 3.98 4.07
N LEU B 583 -4.28 4.65 4.96
CA LEU B 583 -4.91 5.54 5.93
C LEU B 583 -5.62 6.70 5.24
N PHE B 584 -5.00 7.27 4.20
CA PHE B 584 -5.63 8.37 3.49
C PHE B 584 -6.91 7.93 2.80
N VAL B 585 -6.90 6.74 2.19
CA VAL B 585 -8.12 6.24 1.54
C VAL B 585 -9.20 5.98 2.57
N TRP B 586 -8.85 5.38 3.71
CA TRP B 586 -9.85 5.13 4.74
C TRP B 586 -10.43 6.43 5.28
N ILE B 587 -9.57 7.42 5.53
CA ILE B 587 -10.04 8.70 6.07
C ILE B 587 -10.87 9.46 5.04
N ALA B 588 -10.50 9.38 3.77
CA ALA B 588 -11.32 9.96 2.72
C ALA B 588 -12.68 9.29 2.65
N GLY B 589 -12.72 7.96 2.77
CA GLY B 589 -13.99 7.27 2.80
C GLY B 589 -14.88 7.72 3.94
N ARG B 590 -14.28 7.90 5.12
CA ARG B 590 -15.05 8.46 6.24
C ARG B 590 -15.44 9.93 6.03
N TYR B 591 -14.65 10.68 5.25
CA TYR B 591 -14.89 12.10 5.08
C TYR B 591 -16.21 12.37 4.38
N GLU B 592 -16.49 11.66 3.29
CA GLU B 592 -17.72 11.88 2.55
C GLU B 592 -18.96 11.47 3.33
N ARG B 593 -18.79 10.69 4.39
CA ARG B 593 -19.92 10.27 5.21
C ARG B 593 -20.37 11.40 6.14
#